data_1HEE
#
_entry.id   1HEE
#
_cell.length_a   65.570
_cell.length_b   60.524
_cell.length_c   74.410
_cell.angle_alpha   90.00
_cell.angle_beta   97.84
_cell.angle_gamma   90.00
#
_symmetry.space_group_name_H-M   'P 1'
#
loop_
_entity.id
_entity.type
_entity.pdbx_description
1 polymer 'CARBOXYPEPTIDASE A'
2 non-polymer 'ZINC ION'
3 non-polymer L-[(N-HYDROXYAMINO)CARBONYL]PHENYLALANINE
4 water water
#
_entity_poly.entity_id   1
_entity_poly.type   'polypeptide(L)'
_entity_poly.pdbx_seq_one_letter_code
;ARSTNTFNYATYHTLDEIYDFMDLLVAQHPELVSKLQIGRSYEGRPIYVLKFSTGGSNRPAIWIDLGIHSREWITQATGV
WFAKKFTENYGQNPSFTAILDSMDIFLEIVTNPNGFAFTHSENRLWRKTRSVTSSSLCVGVDANRNWDAGFGKAGASSSP
CSETYHGKYANSEVEVKSIVDFVKNHGNFKAFLSIHSYSQLLLYPYGYTTQSIPDKTELNQVAKSAVAALKSLYGTSYKY
GSIITTIYQASGGSIDWSYNQGIKYSFTFELRDTGRYGFLLPASQIIPTAQETWLGVLTIMEHTVNN
;
_entity_poly.pdbx_strand_id   A,B,D,E
#
# COMPACT_ATOMS: atom_id res chain seq x y z
N ALA A 1 -32.21 -0.91 -21.99
CA ALA A 1 -32.18 -2.23 -22.68
C ALA A 1 -32.90 -2.16 -24.02
N ARG A 2 -34.23 -2.03 -23.97
CA ARG A 2 -35.05 -1.95 -25.17
C ARG A 2 -36.02 -0.77 -25.06
N SER A 3 -35.46 0.41 -24.84
CA SER A 3 -36.20 1.66 -24.69
C SER A 3 -35.26 2.63 -24.01
N THR A 4 -35.10 3.83 -24.56
CA THR A 4 -34.20 4.79 -23.94
C THR A 4 -34.70 5.17 -22.55
N ASN A 5 -35.96 4.86 -22.27
CA ASN A 5 -36.53 5.16 -20.96
C ASN A 5 -36.09 4.14 -19.91
N THR A 6 -35.60 3.00 -20.37
CA THR A 6 -35.15 1.94 -19.46
C THR A 6 -33.62 1.86 -19.39
N PHE A 7 -32.97 2.56 -20.32
CA PHE A 7 -31.52 2.61 -20.38
C PHE A 7 -30.95 3.21 -19.10
N ASN A 8 -29.86 2.62 -18.59
CA ASN A 8 -29.22 3.11 -17.37
C ASN A 8 -28.19 4.20 -17.68
N TYR A 9 -28.56 5.44 -17.40
CA TYR A 9 -27.68 6.58 -17.65
C TYR A 9 -26.66 6.81 -16.55
N ALA A 10 -26.83 6.12 -15.43
CA ALA A 10 -25.94 6.28 -14.28
C ALA A 10 -24.79 5.27 -14.24
N THR A 11 -24.43 4.72 -15.39
CA THR A 11 -23.34 3.75 -15.45
C THR A 11 -22.59 3.92 -16.76
N TYR A 12 -21.37 3.40 -16.83
CA TYR A 12 -20.55 3.48 -18.03
C TYR A 12 -20.89 2.33 -18.97
N HIS A 13 -20.93 2.62 -20.26
CA HIS A 13 -21.28 1.61 -21.26
C HIS A 13 -20.17 1.29 -22.25
N THR A 14 -20.34 0.18 -22.96
CA THR A 14 -19.39 -0.25 -23.96
C THR A 14 -19.76 0.39 -25.29
N LEU A 15 -18.92 0.21 -26.29
CA LEU A 15 -19.18 0.78 -27.60
C LEU A 15 -20.48 0.23 -28.18
N ASP A 16 -20.67 -1.09 -28.13
CA ASP A 16 -21.89 -1.67 -28.68
C ASP A 16 -23.15 -1.12 -28.01
N GLU A 17 -23.11 -0.96 -26.70
CA GLU A 17 -24.27 -0.45 -25.99
C GLU A 17 -24.62 0.98 -26.39
N ILE A 18 -23.59 1.81 -26.60
CA ILE A 18 -23.81 3.19 -27.00
C ILE A 18 -24.37 3.24 -28.42
N TYR A 19 -23.83 2.41 -29.31
CA TYR A 19 -24.30 2.37 -30.69
C TYR A 19 -25.75 1.88 -30.74
N ASP A 20 -26.08 0.90 -29.91
CA ASP A 20 -27.44 0.38 -29.87
C ASP A 20 -28.37 1.50 -29.41
N PHE A 21 -27.93 2.24 -28.40
CA PHE A 21 -28.70 3.36 -27.85
C PHE A 21 -29.09 4.34 -28.95
N MET A 22 -28.14 4.64 -29.83
CA MET A 22 -28.39 5.56 -30.94
C MET A 22 -29.54 5.09 -31.82
N ASP A 23 -29.57 3.79 -32.11
CA ASP A 23 -30.64 3.24 -32.94
C ASP A 23 -31.99 3.32 -32.25
N LEU A 24 -32.00 3.09 -30.94
CA LEU A 24 -33.23 3.15 -30.18
C LEU A 24 -33.73 4.59 -30.15
N LEU A 25 -32.84 5.54 -29.91
CA LEU A 25 -33.27 6.94 -29.86
C LEU A 25 -33.90 7.36 -31.18
N VAL A 26 -33.24 7.04 -32.28
CA VAL A 26 -33.73 7.38 -33.61
C VAL A 26 -35.07 6.72 -33.91
N ALA A 27 -35.22 5.47 -33.47
CA ALA A 27 -36.47 4.73 -33.69
C ALA A 27 -37.62 5.35 -32.89
N GLN A 28 -37.30 5.93 -31.74
CA GLN A 28 -38.30 6.55 -30.89
C GLN A 28 -38.63 8.00 -31.27
N HIS A 29 -37.73 8.68 -31.96
CA HIS A 29 -37.96 10.07 -32.35
C HIS A 29 -37.50 10.34 -33.79
N PRO A 30 -38.11 9.65 -34.76
CA PRO A 30 -37.81 9.76 -36.20
C PRO A 30 -37.92 11.16 -36.79
N GLU A 31 -38.82 11.96 -36.24
CA GLU A 31 -39.04 13.31 -36.73
C GLU A 31 -38.03 14.32 -36.22
N LEU A 32 -37.24 13.94 -35.22
CA LEU A 32 -36.27 14.84 -34.63
C LEU A 32 -34.81 14.44 -34.78
N VAL A 33 -34.54 13.14 -34.74
CA VAL A 33 -33.17 12.69 -34.84
C VAL A 33 -32.91 11.62 -35.90
N SER A 34 -31.74 11.73 -36.52
CA SER A 34 -31.30 10.77 -37.53
C SER A 34 -29.82 10.47 -37.31
N LYS A 35 -29.40 9.27 -37.70
CA LYS A 35 -28.03 8.85 -37.52
C LYS A 35 -27.28 8.92 -38.84
N LEU A 36 -26.16 9.63 -38.83
CA LEU A 36 -25.33 9.78 -40.02
C LEU A 36 -23.98 9.10 -39.82
N GLN A 37 -23.50 8.39 -40.84
CA GLN A 37 -22.19 7.76 -40.75
C GLN A 37 -21.26 8.67 -41.55
N ILE A 38 -20.35 9.35 -40.86
CA ILE A 38 -19.45 10.27 -41.54
C ILE A 38 -18.10 9.69 -41.95
N GLY A 39 -17.90 8.40 -41.68
CA GLY A 39 -16.65 7.76 -42.05
C GLY A 39 -16.45 6.46 -41.29
N ARG A 40 -15.25 5.89 -41.42
CA ARG A 40 -14.92 4.67 -40.71
C ARG A 40 -13.58 4.87 -40.03
N SER A 41 -13.42 4.27 -38.85
CA SER A 41 -12.19 4.37 -38.08
C SER A 41 -11.04 3.64 -38.77
N TYR A 42 -9.84 3.75 -38.21
CA TYR A 42 -8.68 3.09 -38.77
C TYR A 42 -8.95 1.58 -38.86
N GLU A 43 -9.53 1.02 -37.81
CA GLU A 43 -9.82 -0.41 -37.78
C GLU A 43 -11.15 -0.79 -38.44
N GLY A 44 -11.75 0.16 -39.15
CA GLY A 44 -12.99 -0.09 -39.88
C GLY A 44 -14.33 0.10 -39.20
N ARG A 45 -14.36 0.56 -37.95
CA ARG A 45 -15.64 0.75 -37.26
C ARG A 45 -16.34 1.99 -37.79
N PRO A 46 -17.66 1.94 -37.93
CA PRO A 46 -18.35 3.13 -38.43
C PRO A 46 -18.29 4.29 -37.44
N ILE A 47 -18.18 5.50 -37.97
CA ILE A 47 -18.15 6.70 -37.15
C ILE A 47 -19.51 7.37 -37.32
N TYR A 48 -20.28 7.44 -36.23
CA TYR A 48 -21.62 8.02 -36.26
C TYR A 48 -21.79 9.39 -35.63
N VAL A 49 -22.70 10.17 -36.21
CA VAL A 49 -23.03 11.49 -35.68
C VAL A 49 -24.54 11.51 -35.59
N LEU A 50 -25.08 12.09 -34.52
CA LEU A 50 -26.53 12.19 -34.39
C LEU A 50 -26.91 13.59 -34.78
N LYS A 51 -27.86 13.71 -35.70
CA LYS A 51 -28.31 15.01 -36.17
C LYS A 51 -29.68 15.30 -35.58
N PHE A 52 -29.78 16.38 -34.82
CA PHE A 52 -31.06 16.76 -34.26
C PHE A 52 -31.52 17.94 -35.10
N SER A 53 -32.62 17.75 -35.81
CA SER A 53 -33.13 18.81 -36.66
C SER A 53 -34.64 18.85 -36.63
N THR A 54 -35.15 20.06 -36.83
CA THR A 54 -36.57 20.29 -36.83
C THR A 54 -37.05 20.54 -38.26
N GLY A 55 -36.10 20.62 -39.18
CA GLY A 55 -36.43 20.87 -40.57
C GLY A 55 -35.41 21.79 -41.25
N GLY A 56 -35.80 22.36 -42.39
CA GLY A 56 -34.91 23.25 -43.10
C GLY A 56 -33.92 22.55 -43.99
N SER A 57 -33.16 23.33 -44.76
CA SER A 57 -32.17 22.79 -45.69
C SER A 57 -30.81 22.66 -45.01
N ASN A 58 -30.09 23.78 -44.95
CA ASN A 58 -28.77 23.83 -44.32
C ASN A 58 -28.76 24.87 -43.23
N ARG A 59 -29.66 24.71 -42.26
CA ARG A 59 -29.75 25.63 -41.15
C ARG A 59 -28.43 25.77 -40.42
N PRO A 60 -28.17 26.96 -39.85
CA PRO A 60 -26.90 27.15 -39.12
C PRO A 60 -26.85 26.03 -38.09
N ALA A 61 -25.65 25.52 -37.82
CA ALA A 61 -25.53 24.39 -36.91
C ALA A 61 -24.52 24.53 -35.78
N ILE A 62 -24.72 23.66 -34.80
CA ILE A 62 -23.87 23.58 -33.62
C ILE A 62 -23.22 22.20 -33.65
N TRP A 63 -21.89 22.17 -33.52
CA TRP A 63 -21.18 20.91 -33.51
C TRP A 63 -20.70 20.61 -32.09
N ILE A 64 -20.88 19.35 -31.67
CA ILE A 64 -20.43 18.93 -30.36
C ILE A 64 -19.81 17.54 -30.45
N ASP A 65 -18.55 17.41 -30.06
CA ASP A 65 -17.93 16.09 -30.09
C ASP A 65 -17.42 15.74 -28.69
N LEU A 66 -17.42 14.45 -28.40
CA LEU A 66 -16.96 13.96 -27.11
C LEU A 66 -16.16 12.70 -27.36
N GLY A 67 -15.32 12.33 -26.41
CA GLY A 67 -14.54 11.12 -26.55
C GLY A 67 -13.44 11.07 -27.60
N ILE A 68 -12.93 12.22 -28.02
CA ILE A 68 -11.84 12.20 -29.00
C ILE A 68 -10.66 11.50 -28.31
N HIS A 69 -10.60 11.62 -26.98
CA HIS A 69 -9.58 10.93 -26.18
C HIS A 69 -10.35 9.83 -25.46
N SER A 70 -10.12 8.59 -25.87
CA SER A 70 -10.85 7.43 -25.34
C SER A 70 -10.99 7.22 -23.84
N ARG A 71 -9.92 7.49 -23.08
CA ARG A 71 -9.96 7.29 -21.62
C ARG A 71 -10.82 8.26 -20.80
N GLU A 72 -11.27 9.33 -21.44
CA GLU A 72 -12.08 10.32 -20.74
C GLU A 72 -13.54 9.90 -20.79
N TRP A 73 -13.83 8.76 -20.17
CA TRP A 73 -15.16 8.15 -20.14
C TRP A 73 -16.33 9.03 -19.74
N ILE A 74 -16.09 10.00 -18.87
CA ILE A 74 -17.16 10.89 -18.45
C ILE A 74 -17.73 11.63 -19.67
N THR A 75 -16.93 11.81 -20.72
CA THR A 75 -17.42 12.53 -21.90
C THR A 75 -18.44 11.73 -22.73
N GLN A 76 -18.15 10.48 -23.07
CA GLN A 76 -19.11 9.70 -23.84
C GLN A 76 -20.40 9.50 -23.02
N ALA A 77 -20.24 9.35 -21.70
CA ALA A 77 -21.38 9.16 -20.80
C ALA A 77 -22.27 10.41 -20.79
N THR A 78 -21.63 11.58 -20.87
CA THR A 78 -22.36 12.84 -20.88
C THR A 78 -23.07 13.00 -22.24
N GLY A 79 -22.40 12.55 -23.31
CA GLY A 79 -22.96 12.64 -24.64
C GLY A 79 -24.24 11.84 -24.75
N VAL A 80 -24.26 10.66 -24.15
CA VAL A 80 -25.45 9.81 -24.16
C VAL A 80 -26.60 10.53 -23.44
N TRP A 81 -26.29 11.14 -22.29
CA TRP A 81 -27.32 11.86 -21.54
C TRP A 81 -27.83 13.07 -22.33
N PHE A 82 -26.92 13.77 -22.99
CA PHE A 82 -27.27 14.94 -23.80
C PHE A 82 -28.27 14.54 -24.88
N ALA A 83 -27.97 13.44 -25.57
CA ALA A 83 -28.82 12.95 -26.65
C ALA A 83 -30.25 12.73 -26.18
N LYS A 84 -30.39 12.12 -25.01
CA LYS A 84 -31.72 11.87 -24.44
C LYS A 84 -32.37 13.17 -24.01
N LYS A 85 -31.58 14.05 -23.39
CA LYS A 85 -32.15 15.31 -22.94
C LYS A 85 -32.72 16.14 -24.09
N PHE A 86 -32.01 16.17 -25.22
CA PHE A 86 -32.49 16.92 -26.37
C PHE A 86 -33.90 16.49 -26.75
N THR A 87 -34.16 15.19 -26.76
CA THR A 87 -35.48 14.69 -27.13
C THR A 87 -36.53 14.95 -26.06
N GLU A 88 -36.11 15.11 -24.82
CA GLU A 88 -37.03 15.37 -23.71
C GLU A 88 -37.42 16.83 -23.56
N ASN A 89 -36.47 17.73 -23.79
CA ASN A 89 -36.71 19.16 -23.63
C ASN A 89 -37.31 19.89 -24.82
N TYR A 90 -37.15 19.36 -26.02
CA TYR A 90 -37.72 20.05 -27.17
C TYR A 90 -39.24 20.05 -27.04
N GLY A 91 -39.83 21.25 -27.08
CA GLY A 91 -41.26 21.38 -26.96
C GLY A 91 -41.68 21.60 -25.51
N GLN A 92 -40.74 21.42 -24.59
CA GLN A 92 -41.04 21.59 -23.16
C GLN A 92 -40.27 22.77 -22.59
N ASN A 93 -38.98 22.89 -22.93
CA ASN A 93 -38.17 24.00 -22.45
C ASN A 93 -38.20 25.10 -23.51
N PRO A 94 -38.73 26.28 -23.15
CA PRO A 94 -38.84 27.43 -24.06
C PRO A 94 -37.54 27.84 -24.74
N SER A 95 -36.44 27.87 -23.98
CA SER A 95 -35.16 28.25 -24.53
C SER A 95 -34.62 27.25 -25.54
N PHE A 96 -34.58 25.97 -25.15
CA PHE A 96 -34.07 24.94 -26.05
C PHE A 96 -34.96 24.78 -27.28
N THR A 97 -36.27 24.85 -27.08
CA THR A 97 -37.20 24.71 -28.20
C THR A 97 -36.89 25.80 -29.24
N ALA A 98 -36.64 27.02 -28.76
CA ALA A 98 -36.33 28.14 -29.64
C ALA A 98 -35.05 27.85 -30.43
N ILE A 99 -34.08 27.23 -29.76
CA ILE A 99 -32.82 26.90 -30.41
C ILE A 99 -33.00 25.88 -31.54
N LEU A 100 -33.67 24.77 -31.25
CA LEU A 100 -33.89 23.74 -32.25
C LEU A 100 -34.85 24.13 -33.37
N ASP A 101 -35.68 25.14 -33.15
CA ASP A 101 -36.61 25.56 -34.19
C ASP A 101 -35.90 26.35 -35.30
N SER A 102 -34.70 26.82 -35.00
CA SER A 102 -33.94 27.61 -35.97
C SER A 102 -32.57 27.04 -36.34
N MET A 103 -32.04 26.14 -35.51
CA MET A 103 -30.72 25.55 -35.78
C MET A 103 -30.70 24.04 -35.62
N ASP A 104 -29.69 23.41 -36.22
CA ASP A 104 -29.50 21.98 -36.13
C ASP A 104 -28.37 21.73 -35.16
N ILE A 105 -28.40 20.58 -34.50
CA ILE A 105 -27.33 20.23 -33.58
C ILE A 105 -26.76 18.89 -34.04
N PHE A 106 -25.43 18.82 -34.13
CA PHE A 106 -24.79 17.58 -34.53
C PHE A 106 -23.99 17.09 -33.33
N LEU A 107 -24.28 15.87 -32.89
CA LEU A 107 -23.63 15.30 -31.72
C LEU A 107 -22.84 14.03 -32.03
N GLU A 108 -21.52 14.05 -31.80
CA GLU A 108 -20.71 12.86 -32.02
C GLU A 108 -20.27 12.38 -30.65
N ILE A 109 -20.94 11.32 -30.18
CA ILE A 109 -20.67 10.75 -28.87
C ILE A 109 -19.34 9.99 -28.72
N VAL A 110 -19.00 9.18 -29.72
CA VAL A 110 -17.76 8.40 -29.69
C VAL A 110 -16.90 8.80 -30.90
N THR A 111 -16.12 9.85 -30.73
CA THR A 111 -15.26 10.40 -31.78
C THR A 111 -14.05 9.52 -32.12
N ASN A 112 -13.63 8.70 -31.16
CA ASN A 112 -12.48 7.81 -31.32
C ASN A 112 -12.95 6.41 -30.90
N PRO A 113 -13.72 5.73 -31.77
CA PRO A 113 -14.23 4.39 -31.46
C PRO A 113 -13.19 3.28 -31.26
N ASN A 114 -12.08 3.34 -31.99
CA ASN A 114 -11.06 2.31 -31.85
C ASN A 114 -10.42 2.40 -30.46
N GLY A 115 -10.09 3.61 -30.05
CA GLY A 115 -9.48 3.81 -28.74
C GLY A 115 -10.46 3.48 -27.62
N PHE A 116 -11.73 3.78 -27.84
CA PHE A 116 -12.75 3.50 -26.83
C PHE A 116 -12.86 2.00 -26.59
N ALA A 117 -12.94 1.23 -27.67
CA ALA A 117 -13.04 -0.22 -27.55
C ALA A 117 -11.80 -0.73 -26.82
N PHE A 118 -10.65 -0.13 -27.11
CA PHE A 118 -9.39 -0.53 -26.50
C PHE A 118 -9.38 -0.27 -24.98
N THR A 119 -10.03 0.80 -24.54
CA THR A 119 -10.07 1.09 -23.10
C THR A 119 -10.90 0.05 -22.36
N HIS A 120 -11.82 -0.59 -23.06
CA HIS A 120 -12.68 -1.61 -22.44
C HIS A 120 -12.06 -3.01 -22.44
N SER A 121 -11.21 -3.29 -23.41
CA SER A 121 -10.61 -4.62 -23.52
C SER A 121 -9.16 -4.78 -23.08
N GLU A 122 -8.35 -3.74 -23.17
CA GLU A 122 -6.95 -3.89 -22.77
C GLU A 122 -6.30 -2.80 -21.93
N ASN A 123 -6.49 -1.53 -22.29
CA ASN A 123 -5.87 -0.45 -21.54
C ASN A 123 -6.87 0.65 -21.24
N ARG A 124 -7.34 0.69 -20.00
CA ARG A 124 -8.33 1.68 -19.57
C ARG A 124 -7.86 3.12 -19.75
N LEU A 125 -6.55 3.34 -19.71
CA LEU A 125 -6.01 4.68 -19.84
C LEU A 125 -5.51 5.03 -21.23
N TRP A 126 -5.93 4.30 -22.26
CA TRP A 126 -5.49 4.61 -23.61
C TRP A 126 -6.12 5.95 -24.00
N ARG A 127 -5.34 6.81 -24.66
CA ARG A 127 -5.79 8.15 -25.04
C ARG A 127 -5.84 8.42 -26.54
N LYS A 128 -4.94 7.78 -27.28
CA LYS A 128 -4.81 7.98 -28.73
C LYS A 128 -5.70 7.12 -29.64
N THR A 129 -5.47 7.27 -30.93
CA THR A 129 -6.19 6.48 -31.93
C THR A 129 -5.51 5.12 -31.94
N ARG A 130 -5.82 4.30 -32.95
CA ARG A 130 -5.26 2.95 -33.05
C ARG A 130 -4.48 2.72 -34.35
N SER A 131 -4.11 3.77 -35.07
CA SER A 131 -3.39 3.55 -36.33
C SER A 131 -1.95 3.11 -36.12
N VAL A 132 -1.45 2.28 -37.03
CA VAL A 132 -0.09 1.77 -36.95
C VAL A 132 0.73 2.34 -38.10
N THR A 133 2.01 2.53 -37.87
CA THR A 133 2.89 3.05 -38.92
C THR A 133 4.26 2.36 -38.89
N SER A 134 4.61 1.77 -40.03
CA SER A 134 5.85 1.04 -40.24
C SER A 134 7.02 1.36 -39.31
N SER A 135 7.57 2.56 -39.44
CA SER A 135 8.72 2.99 -38.64
C SER A 135 8.50 3.13 -37.14
N SER A 136 7.87 2.13 -36.51
CA SER A 136 7.63 2.18 -35.07
C SER A 136 6.75 1.04 -34.59
N LEU A 137 7.04 0.53 -33.39
CA LEU A 137 6.25 -0.55 -32.81
C LEU A 137 5.17 0.06 -31.92
N CYS A 138 5.15 1.38 -31.83
CA CYS A 138 4.15 2.07 -31.02
C CYS A 138 2.94 2.38 -31.89
N VAL A 139 1.78 2.43 -31.26
CA VAL A 139 0.52 2.67 -31.97
C VAL A 139 -0.23 3.92 -31.56
N GLY A 140 -0.97 4.49 -32.51
CA GLY A 140 -1.80 5.64 -32.23
C GLY A 140 -1.22 7.03 -32.29
N VAL A 141 -2.13 7.98 -32.52
CA VAL A 141 -1.82 9.39 -32.61
C VAL A 141 -2.80 10.14 -31.71
N ASP A 142 -2.34 11.23 -31.10
CA ASP A 142 -3.20 12.04 -30.26
C ASP A 142 -4.09 12.81 -31.24
N ALA A 143 -5.34 12.40 -31.35
CA ALA A 143 -6.27 13.05 -32.28
C ALA A 143 -6.42 14.54 -32.00
N ASN A 144 -6.15 15.00 -30.78
CA ASN A 144 -6.28 16.44 -30.53
C ASN A 144 -4.97 17.23 -30.62
N ARG A 145 -4.05 16.71 -31.45
CA ARG A 145 -2.77 17.36 -31.73
C ARG A 145 -2.56 17.18 -33.23
N ASN A 146 -3.57 16.57 -33.87
CA ASN A 146 -3.51 16.24 -35.30
C ASN A 146 -4.22 17.22 -36.26
N TRP A 147 -4.84 18.27 -35.75
CA TRP A 147 -5.56 19.21 -36.60
C TRP A 147 -4.63 20.24 -37.25
N ASP A 148 -5.08 20.81 -38.37
CA ASP A 148 -4.29 21.78 -39.12
C ASP A 148 -4.36 23.18 -38.51
N ALA A 149 -3.72 23.32 -37.35
CA ALA A 149 -3.67 24.61 -36.66
C ALA A 149 -2.38 24.60 -35.88
N GLY A 150 -1.34 25.21 -36.45
CA GLY A 150 -0.05 25.24 -35.79
C GLY A 150 0.50 23.83 -35.65
N PHE A 151 0.10 22.95 -36.56
CA PHE A 151 0.54 21.56 -36.53
C PHE A 151 2.05 21.40 -36.41
N GLY A 152 2.48 20.45 -35.59
CA GLY A 152 3.89 20.17 -35.43
C GLY A 152 4.68 21.15 -34.56
N LYS A 153 4.04 22.23 -34.13
CA LYS A 153 4.74 23.21 -33.31
C LYS A 153 4.71 22.84 -31.83
N ALA A 154 5.40 23.64 -31.02
CA ALA A 154 5.47 23.40 -29.58
C ALA A 154 4.09 23.09 -29.00
N GLY A 155 4.03 22.05 -28.18
CA GLY A 155 2.76 21.68 -27.58
C GLY A 155 2.29 20.30 -28.01
N ALA A 156 3.14 19.60 -28.75
CA ALA A 156 2.84 18.25 -29.23
C ALA A 156 4.15 17.50 -29.32
N SER A 157 4.10 16.17 -29.18
CA SER A 157 5.31 15.36 -29.24
C SER A 157 5.56 14.78 -30.62
N SER A 158 6.85 14.63 -30.95
CA SER A 158 7.22 14.09 -32.25
C SER A 158 7.61 12.61 -32.16
N SER A 159 7.56 12.04 -30.95
CA SER A 159 7.89 10.62 -30.81
C SER A 159 6.59 9.83 -30.86
N PRO A 160 6.52 8.84 -31.76
CA PRO A 160 5.34 7.99 -31.96
C PRO A 160 4.83 7.30 -30.70
N CYS A 161 5.72 7.05 -29.74
CA CYS A 161 5.33 6.37 -28.52
C CYS A 161 4.73 7.30 -27.48
N SER A 162 4.81 8.60 -27.74
CA SER A 162 4.28 9.60 -26.82
C SER A 162 2.76 9.69 -26.82
N GLU A 163 2.21 10.05 -25.66
CA GLU A 163 0.78 10.21 -25.46
C GLU A 163 0.29 11.45 -26.19
N THR A 164 1.22 12.32 -26.59
CA THR A 164 0.87 13.54 -27.29
C THR A 164 1.43 13.60 -28.71
N TYR A 165 1.76 12.44 -29.27
CA TYR A 165 2.28 12.35 -30.63
C TYR A 165 1.30 12.98 -31.62
N HIS A 166 1.78 13.93 -32.43
CA HIS A 166 0.92 14.61 -33.40
C HIS A 166 0.66 13.90 -34.73
N GLY A 167 1.40 12.83 -35.01
CA GLY A 167 1.21 12.13 -36.27
C GLY A 167 2.16 12.62 -37.34
N LYS A 168 2.16 11.95 -38.49
CA LYS A 168 3.06 12.34 -39.60
C LYS A 168 2.75 13.68 -40.22
N TYR A 169 1.46 14.00 -40.35
CA TYR A 169 1.05 15.27 -40.93
C TYR A 169 -0.37 15.59 -40.49
N ALA A 170 -0.75 16.87 -40.63
CA ALA A 170 -2.08 17.31 -40.23
C ALA A 170 -3.20 16.52 -40.93
N ASN A 171 -4.19 16.09 -40.14
CA ASN A 171 -5.34 15.35 -40.63
C ASN A 171 -5.01 13.92 -41.10
N SER A 172 -3.92 13.36 -40.60
CA SER A 172 -3.55 12.00 -40.99
C SER A 172 -4.54 10.98 -40.44
N GLU A 173 -5.14 11.27 -39.29
CA GLU A 173 -6.09 10.33 -38.70
C GLU A 173 -7.46 10.47 -39.34
N VAL A 174 -8.00 9.35 -39.79
CA VAL A 174 -9.30 9.35 -40.45
C VAL A 174 -10.39 9.86 -39.52
N GLU A 175 -10.21 9.67 -38.22
CA GLU A 175 -11.19 10.15 -37.26
C GLU A 175 -11.26 11.67 -37.27
N VAL A 176 -10.11 12.31 -37.50
CA VAL A 176 -10.06 13.76 -37.54
C VAL A 176 -10.53 14.27 -38.90
N LYS A 177 -10.01 13.66 -39.97
CA LYS A 177 -10.38 14.08 -41.31
C LYS A 177 -11.89 13.94 -41.56
N SER A 178 -12.51 12.91 -40.98
CA SER A 178 -13.94 12.69 -41.16
C SER A 178 -14.73 13.90 -40.69
N ILE A 179 -14.30 14.50 -39.58
CA ILE A 179 -14.96 15.69 -39.05
C ILE A 179 -14.64 16.90 -39.92
N VAL A 180 -13.37 17.07 -40.27
CA VAL A 180 -12.96 18.21 -41.09
C VAL A 180 -13.77 18.27 -42.40
N ASP A 181 -13.87 17.14 -43.10
CA ASP A 181 -14.60 17.09 -44.37
C ASP A 181 -16.07 17.42 -44.21
N PHE A 182 -16.69 16.85 -43.19
CA PHE A 182 -18.12 17.08 -42.94
C PHE A 182 -18.40 18.54 -42.59
N VAL A 183 -17.55 19.12 -41.76
CA VAL A 183 -17.73 20.51 -41.36
C VAL A 183 -17.52 21.43 -42.56
N LYS A 184 -16.49 21.15 -43.36
CA LYS A 184 -16.21 21.96 -44.54
C LYS A 184 -17.33 21.87 -45.57
N ASN A 185 -17.80 20.65 -45.85
CA ASN A 185 -18.88 20.47 -46.82
C ASN A 185 -20.14 21.21 -46.39
N HIS A 186 -20.47 21.11 -45.11
CA HIS A 186 -21.66 21.75 -44.54
C HIS A 186 -21.57 23.27 -44.71
N GLY A 187 -20.43 23.82 -44.32
CA GLY A 187 -20.18 25.25 -44.45
C GLY A 187 -21.05 26.20 -43.66
N ASN A 188 -21.91 25.71 -42.78
CA ASN A 188 -22.74 26.62 -42.02
C ASN A 188 -22.76 26.36 -40.51
N PHE A 189 -21.63 25.93 -39.97
CA PHE A 189 -21.56 25.72 -38.53
C PHE A 189 -21.27 27.06 -37.87
N LYS A 190 -21.97 27.33 -36.77
CA LYS A 190 -21.80 28.59 -36.04
C LYS A 190 -21.11 28.37 -34.70
N ALA A 191 -21.16 27.14 -34.21
CA ALA A 191 -20.51 26.81 -32.95
C ALA A 191 -19.85 25.46 -33.08
N PHE A 192 -18.72 25.30 -32.39
CA PHE A 192 -17.93 24.06 -32.44
C PHE A 192 -17.45 23.78 -31.01
N LEU A 193 -18.05 22.79 -30.37
CA LEU A 193 -17.71 22.44 -28.98
C LEU A 193 -17.08 21.06 -28.85
N SER A 194 -15.89 21.01 -28.28
CA SER A 194 -15.20 19.73 -28.08
C SER A 194 -15.09 19.49 -26.58
N ILE A 195 -15.58 18.34 -26.12
CA ILE A 195 -15.59 18.01 -24.70
C ILE A 195 -14.55 16.96 -24.29
N HIS A 196 -13.83 17.29 -23.21
CA HIS A 196 -12.77 16.45 -22.65
C HIS A 196 -12.92 16.42 -21.12
N SER A 197 -11.96 15.75 -20.47
CA SER A 197 -11.86 15.69 -19.02
C SER A 197 -10.37 15.39 -18.79
N TYR A 198 -9.81 15.79 -17.65
CA TYR A 198 -10.49 16.48 -16.56
C TYR A 198 -9.71 17.78 -16.26
N SER A 199 -10.27 18.60 -15.37
CA SER A 199 -9.64 19.88 -14.94
C SER A 199 -10.66 20.95 -14.58
N GLN A 200 -11.88 20.82 -15.10
CA GLN A 200 -12.94 21.79 -14.85
C GLN A 200 -12.54 23.16 -15.37
N LEU A 201 -12.44 23.23 -16.70
CA LEU A 201 -12.05 24.45 -17.41
C LEU A 201 -12.93 24.65 -18.64
N LEU A 202 -13.11 25.91 -19.02
CA LEU A 202 -13.85 26.27 -20.22
C LEU A 202 -12.81 27.07 -21.00
N LEU A 203 -12.36 26.53 -22.13
CA LEU A 203 -11.32 27.18 -22.91
C LEU A 203 -11.74 27.67 -24.30
N TYR A 204 -11.06 28.71 -24.77
CA TYR A 204 -11.29 29.24 -26.11
C TYR A 204 -9.90 29.41 -26.75
N PRO A 205 -9.83 29.62 -28.06
CA PRO A 205 -8.56 29.80 -28.78
C PRO A 205 -7.70 30.96 -28.28
N TYR A 206 -6.38 30.88 -28.46
CA TYR A 206 -5.70 29.76 -29.12
C TYR A 206 -4.82 28.99 -28.14
N GLY A 207 -4.33 27.84 -28.60
CA GLY A 207 -3.42 27.03 -27.83
C GLY A 207 -2.05 27.01 -28.50
N TYR A 208 -2.02 27.13 -29.82
CA TYR A 208 -0.74 27.08 -30.53
C TYR A 208 0.02 28.40 -30.62
N THR A 209 -0.64 29.51 -30.33
CA THR A 209 0.03 30.80 -30.41
C THR A 209 -0.43 31.71 -29.28
N THR A 210 0.42 32.65 -28.89
CA THR A 210 0.07 33.59 -27.82
C THR A 210 -0.76 34.74 -28.38
N GLN A 211 -0.92 34.78 -29.70
CA GLN A 211 -1.70 35.82 -30.36
C GLN A 211 -3.14 35.76 -29.84
N SER A 212 -3.70 36.92 -29.50
CA SER A 212 -5.09 36.98 -29.01
C SER A 212 -6.05 36.98 -30.18
N ILE A 213 -7.13 36.20 -30.06
CA ILE A 213 -8.12 36.15 -31.13
C ILE A 213 -8.84 37.50 -31.22
N PRO A 214 -9.37 37.83 -32.41
CA PRO A 214 -10.09 39.09 -32.63
C PRO A 214 -11.36 39.20 -31.78
N ASP A 215 -11.98 38.06 -31.48
CA ASP A 215 -13.20 38.03 -30.69
C ASP A 215 -12.97 37.71 -29.22
N LYS A 216 -11.78 37.99 -28.72
CA LYS A 216 -11.45 37.69 -27.32
C LYS A 216 -12.45 38.28 -26.32
N THR A 217 -12.78 39.56 -26.48
CA THR A 217 -13.72 40.20 -25.55
C THR A 217 -15.08 39.50 -25.48
N GLU A 218 -15.64 39.13 -26.63
CA GLU A 218 -16.94 38.47 -26.64
C GLU A 218 -16.87 37.05 -26.09
N LEU A 219 -15.91 36.26 -26.56
CA LEU A 219 -15.79 34.88 -26.10
C LEU A 219 -15.50 34.78 -24.61
N ASN A 220 -14.70 35.70 -24.09
CA ASN A 220 -14.37 35.69 -22.68
C ASN A 220 -15.64 35.92 -21.85
N GLN A 221 -16.52 36.80 -22.32
CA GLN A 221 -17.76 37.09 -21.61
C GLN A 221 -18.72 35.91 -21.73
N VAL A 222 -18.73 35.26 -22.89
CA VAL A 222 -19.62 34.10 -23.08
C VAL A 222 -19.17 33.00 -22.12
N ALA A 223 -17.86 32.80 -22.02
CA ALA A 223 -17.30 31.78 -21.13
C ALA A 223 -17.62 32.12 -19.68
N LYS A 224 -17.52 33.40 -19.34
CA LYS A 224 -17.81 33.84 -17.98
C LYS A 224 -19.26 33.48 -17.62
N SER A 225 -20.18 33.74 -18.54
CA SER A 225 -21.60 33.44 -18.32
C SER A 225 -21.88 31.94 -18.22
N ALA A 226 -21.24 31.16 -19.09
CA ALA A 226 -21.44 29.72 -19.10
C ALA A 226 -20.96 29.09 -17.80
N VAL A 227 -19.82 29.57 -17.31
CA VAL A 227 -19.24 29.07 -16.07
C VAL A 227 -20.14 29.38 -14.87
N ALA A 228 -20.74 30.56 -14.87
CA ALA A 228 -21.64 30.95 -13.78
C ALA A 228 -22.89 30.08 -13.81
N ALA A 229 -23.39 29.79 -15.01
CA ALA A 229 -24.57 28.95 -15.15
C ALA A 229 -24.29 27.54 -14.66
N LEU A 230 -23.16 26.98 -15.07
CA LEU A 230 -22.76 25.64 -14.67
C LEU A 230 -22.60 25.50 -13.16
N LYS A 231 -22.00 26.50 -12.55
CA LYS A 231 -21.77 26.52 -11.11
C LYS A 231 -23.06 26.61 -10.28
N SER A 232 -24.09 27.23 -10.84
CA SER A 232 -25.36 27.42 -10.14
C SER A 232 -26.07 26.15 -9.68
N LEU A 233 -25.73 25.02 -10.28
CA LEU A 233 -26.41 23.78 -9.92
C LEU A 233 -25.89 23.10 -8.65
N TYR A 234 -24.61 22.76 -8.65
CA TYR A 234 -24.00 22.08 -7.50
C TYR A 234 -22.81 22.84 -6.93
N GLY A 235 -22.53 24.01 -7.47
CA GLY A 235 -21.40 24.80 -6.98
C GLY A 235 -20.05 24.39 -7.53
N THR A 236 -20.03 23.60 -8.60
CA THR A 236 -18.77 23.16 -9.22
C THR A 236 -18.03 24.36 -9.82
N SER A 237 -16.79 24.56 -9.41
CA SER A 237 -15.99 25.70 -9.88
C SER A 237 -15.14 25.42 -11.10
N TYR A 238 -15.33 26.26 -12.11
CA TYR A 238 -14.59 26.17 -13.37
C TYR A 238 -13.75 27.42 -13.60
N LYS A 239 -12.62 27.27 -14.25
CA LYS A 239 -11.77 28.41 -14.60
C LYS A 239 -12.00 28.55 -16.11
N TYR A 240 -11.69 29.72 -16.67
CA TYR A 240 -11.87 29.92 -18.11
C TYR A 240 -10.85 30.90 -18.67
N GLY A 241 -10.62 30.81 -19.97
CA GLY A 241 -9.66 31.67 -20.63
C GLY A 241 -9.13 30.96 -21.86
N SER A 242 -8.13 31.54 -22.53
CA SER A 242 -7.55 30.92 -23.72
C SER A 242 -6.75 29.69 -23.30
N ILE A 243 -6.62 28.74 -24.22
CA ILE A 243 -5.89 27.52 -23.95
C ILE A 243 -4.45 27.77 -23.44
N ILE A 244 -3.68 28.51 -24.22
CA ILE A 244 -2.29 28.77 -23.88
C ILE A 244 -2.07 29.52 -22.57
N THR A 245 -3.01 30.38 -22.18
CA THR A 245 -2.91 31.13 -20.94
C THR A 245 -3.45 30.38 -19.72
N THR A 246 -4.31 29.40 -19.97
CA THR A 246 -4.93 28.62 -18.90
C THR A 246 -4.20 27.33 -18.57
N ILE A 247 -3.81 26.56 -19.59
CA ILE A 247 -3.09 25.32 -19.33
C ILE A 247 -1.65 25.39 -19.81
N TYR A 248 -1.46 25.40 -21.13
CA TYR A 248 -0.12 25.45 -21.69
C TYR A 248 -0.19 25.50 -23.22
N GLN A 249 0.96 25.72 -23.84
CA GLN A 249 1.02 25.78 -25.29
C GLN A 249 0.70 24.38 -25.81
N ALA A 250 -0.27 24.31 -26.72
CA ALA A 250 -0.67 23.03 -27.30
C ALA A 250 -1.01 23.29 -28.77
N SER A 251 -0.36 22.56 -29.67
CA SER A 251 -0.58 22.74 -31.10
C SER A 251 -1.43 21.64 -31.73
N GLY A 252 -2.12 21.98 -32.81
CA GLY A 252 -2.94 21.01 -33.51
C GLY A 252 -4.26 20.64 -32.86
N GLY A 253 -4.80 21.53 -32.04
CA GLY A 253 -6.07 21.29 -31.36
C GLY A 253 -7.28 21.62 -32.22
N SER A 254 -8.38 20.90 -31.99
CA SER A 254 -9.58 21.08 -32.80
C SER A 254 -10.19 22.47 -32.82
N ILE A 255 -10.32 23.06 -31.64
CA ILE A 255 -10.90 24.39 -31.47
C ILE A 255 -10.14 25.50 -32.21
N ASP A 256 -8.82 25.37 -32.27
CA ASP A 256 -8.01 26.36 -32.98
C ASP A 256 -8.30 26.23 -34.48
N TRP A 257 -8.41 25.00 -34.95
CA TRP A 257 -8.73 24.76 -36.35
C TRP A 257 -10.11 25.33 -36.71
N SER A 258 -11.13 24.98 -35.93
CA SER A 258 -12.49 25.45 -36.21
C SER A 258 -12.60 26.97 -36.17
N TYR A 259 -11.93 27.61 -35.21
CA TYR A 259 -12.00 29.06 -35.12
C TYR A 259 -11.38 29.65 -36.39
N ASN A 260 -10.26 29.10 -36.83
CA ASN A 260 -9.60 29.60 -38.03
C ASN A 260 -10.42 29.37 -39.29
N GLN A 261 -11.44 28.52 -39.18
CA GLN A 261 -12.32 28.25 -40.31
C GLN A 261 -13.49 29.24 -40.29
N GLY A 262 -13.49 30.15 -39.33
CA GLY A 262 -14.56 31.14 -39.25
C GLY A 262 -15.69 30.79 -38.30
N ILE A 263 -15.52 29.70 -37.55
CA ILE A 263 -16.55 29.29 -36.58
C ILE A 263 -16.16 30.00 -35.30
N LYS A 264 -16.81 31.14 -35.06
CA LYS A 264 -16.52 32.00 -33.92
C LYS A 264 -16.67 31.40 -32.52
N TYR A 265 -17.79 30.74 -32.26
CA TYR A 265 -18.01 30.16 -30.95
C TYR A 265 -17.40 28.78 -30.81
N SER A 266 -16.08 28.76 -30.67
CA SER A 266 -15.32 27.52 -30.53
C SER A 266 -14.82 27.41 -29.10
N PHE A 267 -15.30 26.40 -28.38
CA PHE A 267 -14.92 26.19 -26.98
C PHE A 267 -14.63 24.73 -26.66
N THR A 268 -13.73 24.49 -25.72
CA THR A 268 -13.44 23.14 -25.27
C THR A 268 -13.78 23.11 -23.78
N PHE A 269 -14.54 22.09 -23.38
CA PHE A 269 -14.93 21.90 -21.99
C PHE A 269 -14.05 20.80 -21.41
N GLU A 270 -13.55 21.01 -20.20
CA GLU A 270 -12.77 20.00 -19.49
C GLU A 270 -13.63 19.71 -18.26
N LEU A 271 -14.28 18.56 -18.24
CA LEU A 271 -15.17 18.22 -17.14
C LEU A 271 -14.50 17.80 -15.83
N ARG A 272 -15.30 17.31 -14.90
CA ARG A 272 -14.80 16.88 -13.60
C ARG A 272 -13.91 15.64 -13.74
N ASP A 273 -12.99 15.47 -12.80
CA ASP A 273 -12.83 16.41 -11.71
C ASP A 273 -11.47 17.04 -11.93
N THR A 274 -10.78 17.69 -9.98
CA THR A 274 -9.58 18.38 -10.42
C THR A 274 -8.37 17.48 -10.19
N GLY A 275 -8.62 16.17 -10.13
CA GLY A 275 -7.52 15.25 -9.92
C GLY A 275 -7.72 14.14 -8.89
N ARG A 276 -8.71 14.26 -8.02
CA ARG A 276 -8.91 13.21 -7.02
C ARG A 276 -9.09 11.87 -7.73
N TYR A 277 -10.01 11.83 -8.70
CA TYR A 277 -10.28 10.62 -9.46
C TYR A 277 -9.69 10.67 -10.86
N GLY A 278 -9.55 11.88 -11.39
CA GLY A 278 -8.99 12.03 -12.72
C GLY A 278 -9.88 11.37 -13.75
N PHE A 279 -9.31 10.51 -14.57
CA PHE A 279 -10.08 9.85 -15.62
C PHE A 279 -11.01 8.77 -15.08
N LEU A 280 -10.72 8.26 -13.90
CA LEU A 280 -11.55 7.23 -13.30
C LEU A 280 -12.65 7.80 -12.41
N LEU A 281 -13.42 8.74 -12.95
CA LEU A 281 -14.51 9.37 -12.20
C LEU A 281 -15.60 8.35 -11.89
N PRO A 282 -16.06 8.28 -10.63
CA PRO A 282 -17.10 7.32 -10.21
C PRO A 282 -18.42 7.52 -11.00
N ALA A 283 -19.07 6.40 -11.33
CA ALA A 283 -20.32 6.43 -12.07
C ALA A 283 -21.38 7.28 -11.37
N SER A 284 -21.29 7.37 -10.05
CA SER A 284 -22.24 8.15 -9.27
C SER A 284 -22.18 9.64 -9.61
N GLN A 285 -21.14 10.06 -10.32
CA GLN A 285 -21.02 11.47 -10.68
C GLN A 285 -21.42 11.76 -12.13
N ILE A 286 -21.80 10.73 -12.86
CA ILE A 286 -22.19 10.89 -14.26
C ILE A 286 -23.37 11.86 -14.44
N ILE A 287 -24.49 11.57 -13.79
CA ILE A 287 -25.65 12.44 -13.94
C ILE A 287 -25.41 13.89 -13.48
N PRO A 288 -24.83 14.08 -12.28
CA PRO A 288 -24.58 15.46 -11.81
C PRO A 288 -23.65 16.23 -12.76
N THR A 289 -22.63 15.55 -13.28
CA THR A 289 -21.69 16.18 -14.21
C THR A 289 -22.44 16.58 -15.49
N ALA A 290 -23.25 15.66 -16.00
CA ALA A 290 -24.03 15.92 -17.21
C ALA A 290 -25.02 17.05 -17.02
N GLN A 291 -25.72 17.05 -15.89
CA GLN A 291 -26.70 18.08 -15.60
C GLN A 291 -26.12 19.50 -15.58
N GLU A 292 -25.01 19.70 -14.87
CA GLU A 292 -24.42 21.02 -14.78
C GLU A 292 -23.75 21.43 -16.10
N THR A 293 -23.16 20.48 -16.80
CA THR A 293 -22.49 20.76 -18.07
C THR A 293 -23.52 21.25 -19.09
N TRP A 294 -24.72 20.69 -19.03
CA TRP A 294 -25.79 21.08 -19.94
C TRP A 294 -26.12 22.56 -19.77
N LEU A 295 -26.10 23.05 -18.53
CA LEU A 295 -26.40 24.45 -18.28
C LEU A 295 -25.37 25.35 -18.95
N GLY A 296 -24.10 24.94 -18.91
CA GLY A 296 -23.05 25.71 -19.54
C GLY A 296 -23.17 25.66 -21.06
N VAL A 297 -23.48 24.47 -21.58
CA VAL A 297 -23.63 24.31 -23.03
C VAL A 297 -24.83 25.09 -23.54
N LEU A 298 -25.95 25.01 -22.83
CA LEU A 298 -27.15 25.72 -23.24
C LEU A 298 -26.88 27.23 -23.33
N THR A 299 -26.10 27.74 -22.38
CA THR A 299 -25.76 29.16 -22.36
C THR A 299 -25.05 29.59 -23.65
N ILE A 300 -24.11 28.78 -24.09
CA ILE A 300 -23.36 29.09 -25.30
C ILE A 300 -24.30 29.01 -26.51
N MET A 301 -25.14 27.99 -26.56
CA MET A 301 -26.09 27.86 -27.65
C MET A 301 -27.01 29.08 -27.74
N GLU A 302 -27.54 29.52 -26.60
CA GLU A 302 -28.43 30.67 -26.57
C GLU A 302 -27.78 31.89 -27.19
N HIS A 303 -26.50 32.09 -26.86
CA HIS A 303 -25.75 33.22 -27.38
C HIS A 303 -25.61 33.12 -28.89
N THR A 304 -25.36 31.91 -29.37
CA THR A 304 -25.18 31.66 -30.80
C THR A 304 -26.42 31.98 -31.61
N VAL A 305 -27.59 31.62 -31.09
CA VAL A 305 -28.85 31.86 -31.79
C VAL A 305 -29.11 33.34 -31.97
N ASN A 306 -28.90 34.10 -30.91
CA ASN A 306 -29.12 35.55 -30.93
C ASN A 306 -27.92 36.33 -31.48
N ASN A 307 -26.98 35.63 -32.10
CA ASN A 307 -25.80 36.26 -32.66
C ASN A 307 -25.32 35.54 -33.92
N ALA B 1 -32.29 -31.19 9.76
CA ALA B 1 -32.01 -32.58 9.32
C ALA B 1 -32.77 -32.91 8.04
N ARG B 2 -33.95 -32.33 7.88
CA ARG B 2 -34.78 -32.55 6.69
C ARG B 2 -35.64 -31.32 6.42
N SER B 3 -35.24 -30.21 7.05
CA SER B 3 -35.91 -28.93 6.92
C SER B 3 -34.98 -27.92 7.57
N THR B 4 -34.83 -26.74 6.99
CA THR B 4 -33.95 -25.75 7.57
C THR B 4 -34.46 -25.32 8.94
N ASN B 5 -35.70 -25.70 9.26
CA ASN B 5 -36.28 -25.37 10.55
C ASN B 5 -36.00 -26.43 11.60
N THR B 6 -35.44 -27.57 11.17
CA THR B 6 -35.11 -28.65 12.10
C THR B 6 -33.59 -28.75 12.23
N PHE B 7 -32.88 -27.96 11.43
CA PHE B 7 -31.42 -27.94 11.45
C PHE B 7 -30.93 -27.33 12.76
N ASN B 8 -29.90 -27.93 13.36
CA ASN B 8 -29.33 -27.42 14.61
C ASN B 8 -28.25 -26.39 14.34
N TYR B 9 -28.61 -25.12 14.44
CA TYR B 9 -27.67 -24.03 14.20
C TYR B 9 -26.69 -23.79 15.35
N ALA B 10 -26.97 -24.41 16.50
CA ALA B 10 -26.13 -24.24 17.68
C ALA B 10 -25.08 -25.34 17.87
N THR B 11 -24.67 -25.95 16.77
CA THR B 11 -23.64 -27.00 16.84
C THR B 11 -22.83 -26.95 15.56
N TYR B 12 -21.63 -27.53 15.60
CA TYR B 12 -20.75 -27.55 14.44
C TYR B 12 -21.09 -28.74 13.54
N HIS B 13 -21.09 -28.50 12.23
CA HIS B 13 -21.43 -29.53 11.25
C HIS B 13 -20.31 -29.96 10.32
N THR B 14 -20.54 -31.09 9.65
CA THR B 14 -19.58 -31.64 8.70
C THR B 14 -19.85 -31.01 7.34
N LEU B 15 -18.98 -31.28 6.37
CA LEU B 15 -19.14 -30.73 5.02
C LEU B 15 -20.44 -31.23 4.39
N ASP B 16 -20.71 -32.53 4.51
CA ASP B 16 -21.93 -33.09 3.94
C ASP B 16 -23.20 -32.42 4.48
N GLU B 17 -23.24 -32.20 5.79
CA GLU B 17 -24.40 -31.58 6.42
C GLU B 17 -24.64 -30.16 5.94
N ILE B 18 -23.57 -29.41 5.72
CA ILE B 18 -23.70 -28.04 5.24
C ILE B 18 -24.14 -28.02 3.78
N TYR B 19 -23.56 -28.91 2.97
CA TYR B 19 -23.95 -28.97 1.56
C TYR B 19 -25.40 -29.42 1.45
N ASP B 20 -25.82 -30.31 2.34
CA ASP B 20 -27.20 -30.78 2.32
C ASP B 20 -28.12 -29.62 2.70
N PHE B 21 -27.69 -28.85 3.68
CA PHE B 21 -28.43 -27.67 4.15
C PHE B 21 -28.69 -26.72 2.97
N MET B 22 -27.66 -26.46 2.18
CA MET B 22 -27.79 -25.58 1.02
C MET B 22 -28.93 -26.03 0.10
N ASP B 23 -29.05 -27.35 -0.11
CA ASP B 23 -30.11 -27.85 -0.97
C ASP B 23 -31.49 -27.67 -0.35
N LEU B 24 -31.61 -27.88 0.96
CA LEU B 24 -32.88 -27.71 1.64
C LEU B 24 -33.33 -26.25 1.54
N LEU B 25 -32.40 -25.33 1.79
CA LEU B 25 -32.73 -23.90 1.73
C LEU B 25 -33.24 -23.50 0.36
N VAL B 26 -32.54 -23.95 -0.69
CA VAL B 26 -32.93 -23.65 -2.06
C VAL B 26 -34.32 -24.19 -2.41
N ALA B 27 -34.62 -25.40 -1.96
CA ALA B 27 -35.91 -26.02 -2.21
C ALA B 27 -37.04 -25.30 -1.47
N GLN B 28 -36.72 -24.72 -0.32
CA GLN B 28 -37.72 -24.01 0.47
C GLN B 28 -37.95 -22.57 0.03
N HIS B 29 -36.94 -21.95 -0.56
CA HIS B 29 -37.02 -20.56 -0.99
C HIS B 29 -36.54 -20.37 -2.44
N PRO B 30 -37.15 -21.09 -3.39
CA PRO B 30 -36.83 -21.06 -4.81
C PRO B 30 -36.79 -19.67 -5.46
N GLU B 31 -37.72 -18.80 -5.06
CA GLU B 31 -37.80 -17.47 -5.64
C GLU B 31 -36.74 -16.50 -5.14
N LEU B 32 -35.98 -16.90 -4.13
CA LEU B 32 -34.98 -16.01 -3.56
C LEU B 32 -33.54 -16.49 -3.60
N VAL B 33 -33.33 -17.79 -3.46
CA VAL B 33 -31.98 -18.32 -3.45
C VAL B 33 -31.74 -19.44 -4.44
N SER B 34 -30.54 -19.45 -5.01
CA SER B 34 -30.14 -20.48 -5.96
C SER B 34 -28.73 -20.92 -5.60
N LYS B 35 -28.34 -22.13 -5.98
CA LYS B 35 -27.01 -22.62 -5.68
C LYS B 35 -26.16 -22.69 -6.94
N LEU B 36 -25.02 -21.99 -6.91
CA LEU B 36 -24.12 -21.95 -8.05
C LEU B 36 -22.80 -22.67 -7.76
N GLN B 37 -22.31 -23.43 -8.73
CA GLN B 37 -21.02 -24.09 -8.56
C GLN B 37 -20.06 -23.21 -9.36
N ILE B 38 -19.08 -22.65 -8.68
CA ILE B 38 -18.11 -21.77 -9.35
C ILE B 38 -16.77 -22.45 -9.65
N GLY B 39 -16.68 -23.73 -9.30
CA GLY B 39 -15.46 -24.48 -9.56
C GLY B 39 -15.40 -25.74 -8.73
N ARG B 40 -14.23 -26.37 -8.70
CA ARG B 40 -14.01 -27.58 -7.92
C ARG B 40 -12.69 -27.41 -7.18
N SER B 41 -12.61 -27.97 -5.99
CA SER B 41 -11.41 -27.88 -5.17
C SER B 41 -10.31 -28.79 -5.73
N TYR B 42 -9.11 -28.67 -5.15
CA TYR B 42 -8.00 -29.49 -5.60
C TYR B 42 -8.37 -30.97 -5.60
N GLU B 43 -9.09 -31.41 -4.57
CA GLU B 43 -9.48 -32.81 -4.47
C GLU B 43 -10.82 -33.13 -5.13
N GLY B 44 -11.22 -32.25 -6.04
CA GLY B 44 -12.46 -32.46 -6.79
C GLY B 44 -13.81 -32.15 -6.17
N ARG B 45 -13.83 -31.59 -4.96
CA ARG B 45 -15.11 -31.28 -4.33
C ARG B 45 -15.71 -30.02 -4.95
N PRO B 46 -17.04 -30.01 -5.15
CA PRO B 46 -17.64 -28.82 -5.74
C PRO B 46 -17.54 -27.63 -4.80
N ILE B 47 -17.37 -26.45 -5.36
CA ILE B 47 -17.29 -25.21 -4.59
C ILE B 47 -18.61 -24.50 -4.87
N TYR B 48 -19.45 -24.33 -3.84
CA TYR B 48 -20.74 -23.69 -4.02
C TYR B 48 -20.88 -22.30 -3.44
N VAL B 49 -21.68 -21.50 -4.12
CA VAL B 49 -21.97 -20.13 -3.70
C VAL B 49 -23.49 -19.99 -3.70
N LEU B 50 -24.05 -19.39 -2.66
CA LEU B 50 -25.49 -19.18 -2.60
C LEU B 50 -25.76 -17.77 -3.10
N LYS B 51 -26.70 -17.66 -4.04
CA LYS B 51 -27.05 -16.36 -4.60
C LYS B 51 -28.44 -15.95 -4.13
N PHE B 52 -28.51 -14.85 -3.42
CA PHE B 52 -29.78 -14.33 -2.93
C PHE B 52 -30.10 -13.15 -3.85
N SER B 53 -31.25 -13.23 -4.52
CA SER B 53 -31.65 -12.17 -5.43
C SER B 53 -33.17 -12.09 -5.54
N THR B 54 -33.67 -10.89 -5.80
CA THR B 54 -35.09 -10.69 -5.94
C THR B 54 -35.41 -10.34 -7.39
N GLY B 55 -34.44 -10.57 -8.26
CA GLY B 55 -34.63 -10.30 -9.68
C GLY B 55 -33.59 -9.36 -10.26
N GLY B 56 -33.96 -8.67 -11.34
CA GLY B 56 -33.06 -7.74 -11.98
C GLY B 56 -32.15 -8.38 -13.00
N SER B 57 -31.32 -7.56 -13.64
CA SER B 57 -30.38 -8.03 -14.65
C SER B 57 -29.01 -8.25 -14.01
N ASN B 58 -28.17 -7.23 -14.06
CA ASN B 58 -26.83 -7.30 -13.48
C ASN B 58 -26.76 -6.33 -12.31
N ARG B 59 -27.62 -6.53 -11.31
CA ARG B 59 -27.62 -5.65 -10.14
C ARG B 59 -26.28 -5.67 -9.44
N PRO B 60 -25.94 -4.55 -8.76
CA PRO B 60 -24.67 -4.47 -8.03
C PRO B 60 -24.74 -5.56 -6.98
N ALA B 61 -23.60 -6.15 -6.64
CA ALA B 61 -23.64 -7.23 -5.67
C ALA B 61 -22.71 -7.09 -4.49
N ILE B 62 -22.96 -7.92 -3.48
CA ILE B 62 -22.17 -7.98 -2.28
C ILE B 62 -21.62 -9.39 -2.18
N TRP B 63 -20.31 -9.50 -1.99
CA TRP B 63 -19.69 -10.81 -1.86
C TRP B 63 -19.32 -11.06 -0.40
N ILE B 64 -19.59 -12.28 0.07
CA ILE B 64 -19.25 -12.65 1.42
C ILE B 64 -18.72 -14.07 1.40
N ASP B 65 -17.48 -14.27 1.85
CA ASP B 65 -16.94 -15.62 1.92
C ASP B 65 -16.51 -15.93 3.34
N LEU B 66 -16.60 -17.20 3.70
CA LEU B 66 -16.24 -17.66 5.03
C LEU B 66 -15.47 -18.97 4.92
N GLY B 67 -14.69 -19.28 5.94
CA GLY B 67 -13.94 -20.51 5.96
C GLY B 67 -12.81 -20.68 4.95
N ILE B 68 -12.17 -19.59 4.53
CA ILE B 68 -11.06 -19.75 3.59
C ILE B 68 -9.96 -20.50 4.35
N HIS B 69 -9.96 -20.32 5.67
CA HIS B 69 -9.01 -21.02 6.56
C HIS B 69 -9.88 -22.05 7.29
N SER B 70 -9.73 -23.31 6.92
CA SER B 70 -10.53 -24.41 7.45
C SER B 70 -10.75 -24.53 8.97
N ARG B 71 -9.72 -24.29 9.77
CA ARG B 71 -9.83 -24.43 11.23
C ARG B 71 -10.67 -23.37 11.95
N GLU B 72 -11.03 -22.31 11.26
CA GLU B 72 -11.83 -21.25 11.87
C GLU B 72 -13.31 -21.62 11.74
N TRP B 73 -13.68 -22.70 12.43
CA TRP B 73 -15.03 -23.23 12.41
C TRP B 73 -16.18 -22.26 12.70
N ILE B 74 -15.94 -21.24 13.53
CA ILE B 74 -17.01 -20.30 13.85
C ILE B 74 -17.50 -19.57 12.60
N THR B 75 -16.66 -19.48 11.57
CA THR B 75 -17.04 -18.79 10.34
C THR B 75 -18.05 -19.59 9.51
N GLN B 76 -17.77 -20.87 9.28
CA GLN B 76 -18.71 -21.67 8.50
C GLN B 76 -20.06 -21.74 9.24
N ALA B 77 -20.01 -21.86 10.57
CA ALA B 77 -21.20 -21.93 11.40
C ALA B 77 -22.00 -20.63 11.29
N THR B 78 -21.29 -19.51 11.25
CA THR B 78 -21.93 -18.21 11.12
C THR B 78 -22.50 -18.07 9.71
N GLY B 79 -21.80 -18.65 8.73
CA GLY B 79 -22.26 -18.60 7.35
C GLY B 79 -23.60 -19.28 7.19
N VAL B 80 -23.72 -20.46 7.77
CA VAL B 80 -24.97 -21.22 7.72
C VAL B 80 -26.11 -20.40 8.36
N TRP B 81 -25.81 -19.77 9.50
CA TRP B 81 -26.80 -18.97 10.20
C TRP B 81 -27.25 -17.78 9.35
N PHE B 82 -26.28 -17.12 8.70
CA PHE B 82 -26.56 -15.98 7.82
C PHE B 82 -27.54 -16.38 6.71
N ALA B 83 -27.25 -17.49 6.04
CA ALA B 83 -28.10 -17.97 4.94
C ALA B 83 -29.55 -18.10 5.41
N LYS B 84 -29.75 -18.68 6.58
CA LYS B 84 -31.10 -18.85 7.10
C LYS B 84 -31.71 -17.49 7.42
N LYS B 85 -30.96 -16.61 8.08
CA LYS B 85 -31.50 -15.30 8.43
C LYS B 85 -31.93 -14.47 7.22
N PHE B 86 -31.21 -14.57 6.11
CA PHE B 86 -31.57 -13.83 4.91
C PHE B 86 -33.00 -14.15 4.50
N THR B 87 -33.32 -15.45 4.51
CA THR B 87 -34.66 -15.89 4.12
C THR B 87 -35.72 -15.60 5.17
N GLU B 88 -35.31 -15.32 6.39
CA GLU B 88 -36.27 -15.00 7.44
C GLU B 88 -36.60 -13.51 7.46
N ASN B 89 -35.56 -12.69 7.31
CA ASN B 89 -35.71 -11.23 7.36
C ASN B 89 -36.18 -10.53 6.09
N TYR B 90 -36.02 -11.15 4.92
CA TYR B 90 -36.47 -10.47 3.72
C TYR B 90 -37.99 -10.32 3.75
N GLY B 91 -38.46 -9.10 3.51
CA GLY B 91 -39.89 -8.83 3.53
C GLY B 91 -40.35 -8.46 4.92
N GLN B 92 -39.56 -8.81 5.92
CA GLN B 92 -39.89 -8.52 7.31
C GLN B 92 -39.10 -7.33 7.85
N ASN B 93 -37.77 -7.38 7.71
CA ASN B 93 -36.93 -6.28 8.19
C ASN B 93 -36.82 -5.24 7.08
N PRO B 94 -37.25 -4.00 7.35
CA PRO B 94 -37.21 -2.89 6.40
C PRO B 94 -35.84 -2.65 5.75
N SER B 95 -34.80 -2.59 6.59
CA SER B 95 -33.45 -2.36 6.10
C SER B 95 -32.95 -3.45 5.18
N PHE B 96 -33.00 -4.70 5.64
CA PHE B 96 -32.52 -5.80 4.82
C PHE B 96 -33.34 -5.94 3.55
N THR B 97 -34.66 -5.74 3.65
CA THR B 97 -35.53 -5.83 2.49
C THR B 97 -35.09 -4.82 1.43
N ALA B 98 -34.78 -3.61 1.86
CA ALA B 98 -34.36 -2.56 0.95
C ALA B 98 -33.09 -2.97 0.22
N ILE B 99 -32.20 -3.66 0.94
CA ILE B 99 -30.95 -4.11 0.38
C ILE B 99 -31.12 -5.16 -0.72
N LEU B 100 -31.94 -6.18 -0.47
CA LEU B 100 -32.16 -7.22 -1.47
C LEU B 100 -32.99 -6.77 -2.65
N ASP B 101 -33.72 -5.66 -2.51
CA ASP B 101 -34.54 -5.15 -3.61
C ASP B 101 -33.68 -4.35 -4.57
N SER B 102 -32.46 -4.01 -4.14
CA SER B 102 -31.55 -3.23 -4.97
C SER B 102 -30.27 -3.97 -5.34
N MET B 103 -29.86 -4.92 -4.52
CA MET B 103 -28.63 -5.65 -4.80
C MET B 103 -28.74 -7.14 -4.53
N ASP B 104 -27.81 -7.91 -5.12
CA ASP B 104 -27.76 -9.36 -4.90
C ASP B 104 -26.67 -9.63 -3.88
N ILE B 105 -26.80 -10.73 -3.14
CA ILE B 105 -25.79 -11.13 -2.17
C ILE B 105 -25.29 -12.51 -2.51
N PHE B 106 -23.97 -12.66 -2.62
CA PHE B 106 -23.38 -13.96 -2.92
C PHE B 106 -22.66 -14.42 -1.66
N LEU B 107 -22.99 -15.62 -1.21
CA LEU B 107 -22.43 -16.16 0.02
C LEU B 107 -21.74 -17.50 -0.18
N GLU B 108 -20.43 -17.54 0.08
CA GLU B 108 -19.67 -18.78 -0.04
C GLU B 108 -19.36 -19.22 1.39
N ILE B 109 -20.10 -20.23 1.86
CA ILE B 109 -19.97 -20.73 3.23
C ILE B 109 -18.71 -21.55 3.52
N VAL B 110 -18.33 -22.40 2.58
CA VAL B 110 -17.13 -23.23 2.72
C VAL B 110 -16.22 -22.92 1.53
N THR B 111 -15.34 -21.96 1.72
CA THR B 111 -14.44 -21.52 0.66
C THR B 111 -13.27 -22.46 0.41
N ASN B 112 -12.93 -23.26 1.42
CA ASN B 112 -11.82 -24.21 1.37
C ASN B 112 -12.37 -25.56 1.85
N PRO B 113 -13.13 -26.27 1.00
CA PRO B 113 -13.70 -27.55 1.39
C PRO B 113 -12.74 -28.71 1.67
N ASN B 114 -11.60 -28.77 0.98
CA ASN B 114 -10.65 -29.88 1.23
C ASN B 114 -10.07 -29.71 2.63
N GLY B 115 -9.80 -28.46 2.99
CA GLY B 115 -9.25 -28.18 4.30
C GLY B 115 -10.28 -28.48 5.38
N PHE B 116 -11.53 -28.14 5.13
CA PHE B 116 -12.61 -28.36 6.08
C PHE B 116 -12.80 -29.85 6.35
N ALA B 117 -12.76 -30.66 5.30
CA ALA B 117 -12.93 -32.11 5.45
C ALA B 117 -11.79 -32.65 6.30
N PHE B 118 -10.60 -32.11 6.09
CA PHE B 118 -9.41 -32.53 6.81
C PHE B 118 -9.48 -32.18 8.30
N THR B 119 -10.07 -31.04 8.65
CA THR B 119 -10.16 -30.67 10.06
C THR B 119 -11.09 -31.60 10.84
N HIS B 120 -11.99 -32.26 10.12
CA HIS B 120 -12.95 -33.19 10.71
C HIS B 120 -12.39 -34.61 10.80
N SER B 121 -11.52 -34.97 9.88
CA SER B 121 -10.99 -36.33 9.86
C SER B 121 -9.61 -36.55 10.47
N GLU B 122 -8.70 -35.61 10.27
CA GLU B 122 -7.36 -35.82 10.80
C GLU B 122 -6.65 -34.72 11.58
N ASN B 123 -6.83 -33.46 11.17
CA ASN B 123 -6.17 -32.37 11.87
C ASN B 123 -7.13 -31.21 12.09
N ARG B 124 -7.68 -31.12 13.29
CA ARG B 124 -8.63 -30.08 13.68
C ARG B 124 -8.09 -28.66 13.46
N LEU B 125 -6.77 -28.51 13.52
CA LEU B 125 -6.15 -27.20 13.34
C LEU B 125 -5.56 -26.89 11.96
N TRP B 126 -5.96 -27.64 10.94
CA TRP B 126 -5.43 -27.39 9.60
C TRP B 126 -5.97 -26.04 9.09
N ARG B 127 -5.08 -25.23 8.54
CA ARG B 127 -5.42 -23.90 8.03
C ARG B 127 -5.43 -23.76 6.52
N LYS B 128 -4.48 -24.43 5.86
CA LYS B 128 -4.29 -24.36 4.42
C LYS B 128 -5.17 -25.22 3.52
N THR B 129 -4.90 -25.12 2.22
CA THR B 129 -5.62 -25.93 1.24
C THR B 129 -4.94 -27.30 1.33
N ARG B 130 -5.25 -28.19 0.39
CA ARG B 130 -4.63 -29.52 0.42
C ARG B 130 -3.96 -29.91 -0.91
N SER B 131 -3.50 -28.93 -1.68
CA SER B 131 -2.85 -29.26 -2.93
C SER B 131 -1.42 -29.73 -2.68
N VAL B 132 -0.92 -30.56 -3.59
CA VAL B 132 0.42 -31.12 -3.48
C VAL B 132 1.37 -30.55 -4.53
N THR B 133 2.66 -30.54 -4.19
CA THR B 133 3.69 -30.07 -5.10
C THR B 133 4.92 -30.97 -4.95
N SER B 134 5.66 -31.12 -6.05
CA SER B 134 6.85 -31.96 -6.07
C SER B 134 8.03 -31.33 -5.34
N SER B 135 8.00 -30.02 -5.18
CA SER B 135 9.08 -29.31 -4.50
C SER B 135 9.19 -29.66 -3.03
N SER B 136 8.17 -30.31 -2.48
CA SER B 136 8.17 -30.66 -1.07
C SER B 136 7.21 -31.79 -0.73
N LEU B 137 7.35 -32.32 0.48
CA LEU B 137 6.47 -33.37 0.98
C LEU B 137 5.43 -32.73 1.88
N CYS B 138 5.49 -31.41 2.01
CA CYS B 138 4.54 -30.68 2.83
C CYS B 138 3.34 -30.36 1.94
N VAL B 139 2.16 -30.32 2.53
CA VAL B 139 0.92 -30.08 1.79
C VAL B 139 0.25 -28.74 2.04
N GLY B 140 -0.40 -28.22 1.00
CA GLY B 140 -1.17 -26.99 1.13
C GLY B 140 -0.54 -25.62 0.98
N VAL B 141 -1.42 -24.65 0.74
CA VAL B 141 -1.07 -23.25 0.58
C VAL B 141 -2.02 -22.43 1.42
N ASP B 142 -1.54 -21.32 1.97
CA ASP B 142 -2.39 -20.43 2.75
C ASP B 142 -3.20 -19.67 1.69
N ALA B 143 -4.47 -20.04 1.55
CA ALA B 143 -5.32 -19.41 0.54
C ALA B 143 -5.41 -17.89 0.70
N ASN B 144 -5.18 -17.37 1.91
CA ASN B 144 -5.24 -15.92 2.06
C ASN B 144 -3.89 -15.21 1.98
N ARG B 145 -2.94 -15.84 1.28
CA ARG B 145 -1.62 -15.28 1.02
C ARG B 145 -1.31 -15.58 -0.45
N ASN B 146 -2.32 -16.12 -1.15
CA ASN B 146 -2.21 -16.53 -2.55
C ASN B 146 -2.81 -15.56 -3.57
N TRP B 147 -3.41 -14.47 -3.11
CA TRP B 147 -4.03 -13.51 -4.02
C TRP B 147 -3.01 -12.54 -4.64
N ASP B 148 -3.35 -12.01 -5.81
CA ASP B 148 -2.47 -11.08 -6.55
C ASP B 148 -2.52 -9.66 -5.99
N ALA B 149 -1.92 -9.48 -4.82
CA ALA B 149 -1.85 -8.19 -4.14
C ALA B 149 -0.59 -8.23 -3.28
N GLY B 150 0.50 -7.69 -3.80
CA GLY B 150 1.76 -7.71 -3.07
C GLY B 150 2.20 -9.15 -2.89
N PHE B 151 1.80 -10.02 -3.81
CA PHE B 151 2.15 -11.43 -3.72
C PHE B 151 3.64 -11.67 -3.49
N GLY B 152 3.93 -12.59 -2.58
CA GLY B 152 5.31 -12.95 -2.30
C GLY B 152 6.12 -11.97 -1.46
N LYS B 153 5.52 -10.85 -1.07
CA LYS B 153 6.22 -9.85 -0.26
C LYS B 153 6.10 -10.20 1.23
N ALA B 154 6.70 -9.38 2.08
CA ALA B 154 6.68 -9.61 3.51
C ALA B 154 5.26 -9.89 4.02
N GLY B 155 5.14 -10.82 4.96
CA GLY B 155 3.84 -11.17 5.49
C GLY B 155 3.36 -12.52 5.02
N ALA B 156 4.23 -13.22 4.29
CA ALA B 156 3.93 -14.54 3.77
C ALA B 156 5.24 -15.32 3.73
N SER B 157 5.16 -16.64 3.87
CA SER B 157 6.35 -17.48 3.84
C SER B 157 6.57 -18.16 2.51
N SER B 158 7.84 -18.30 2.12
CA SER B 158 8.20 -18.96 0.86
C SER B 158 8.43 -20.45 1.09
N SER B 159 8.32 -20.89 2.34
CA SER B 159 8.51 -22.29 2.69
C SER B 159 7.20 -23.08 2.61
N PRO B 160 7.12 -24.06 1.70
CA PRO B 160 5.94 -24.90 1.52
C PRO B 160 5.41 -25.53 2.80
N CYS B 161 6.27 -25.68 3.80
CA CYS B 161 5.87 -26.28 5.06
C CYS B 161 5.27 -25.29 6.04
N SER B 162 5.32 -24.01 5.70
CA SER B 162 4.79 -22.98 6.58
C SER B 162 3.27 -22.88 6.53
N GLU B 163 2.69 -22.52 7.67
CA GLU B 163 1.26 -22.37 7.80
C GLU B 163 0.81 -21.17 6.95
N THR B 164 1.78 -20.33 6.60
CA THR B 164 1.51 -19.13 5.80
C THR B 164 2.18 -19.14 4.43
N TYR B 165 2.47 -20.33 3.91
CA TYR B 165 3.10 -20.47 2.60
C TYR B 165 2.20 -19.82 1.54
N HIS B 166 2.78 -18.93 0.74
CA HIS B 166 1.99 -18.23 -0.28
C HIS B 166 1.77 -19.00 -1.59
N GLY B 167 2.46 -20.11 -1.76
CA GLY B 167 2.30 -20.89 -2.97
C GLY B 167 3.29 -20.50 -4.05
N LYS B 168 3.32 -21.27 -5.14
CA LYS B 168 4.23 -21.03 -6.25
C LYS B 168 4.06 -19.73 -7.00
N TYR B 169 2.81 -19.27 -7.12
CA TYR B 169 2.51 -18.03 -7.82
C TYR B 169 1.09 -17.59 -7.48
N ALA B 170 0.79 -16.31 -7.67
CA ALA B 170 -0.54 -15.78 -7.36
C ALA B 170 -1.67 -16.53 -8.07
N ASN B 171 -2.73 -16.81 -7.32
CA ASN B 171 -3.88 -17.52 -7.87
C ASN B 171 -3.58 -18.96 -8.27
N SER B 172 -2.54 -19.56 -7.70
CA SER B 172 -2.19 -20.94 -8.04
C SER B 172 -3.24 -21.91 -7.47
N GLU B 173 -3.92 -21.49 -6.42
CA GLU B 173 -4.92 -22.36 -5.81
C GLU B 173 -6.27 -22.21 -6.51
N VAL B 174 -6.82 -23.32 -6.94
CA VAL B 174 -8.09 -23.31 -7.65
C VAL B 174 -9.22 -22.72 -6.81
N GLU B 175 -9.12 -22.84 -5.48
CA GLU B 175 -10.14 -22.29 -4.60
C GLU B 175 -10.14 -20.76 -4.68
N VAL B 176 -8.96 -20.21 -4.95
CA VAL B 176 -8.79 -18.77 -5.05
C VAL B 176 -9.12 -18.28 -6.45
N LYS B 177 -8.60 -18.98 -7.46
CA LYS B 177 -8.87 -18.57 -8.83
C LYS B 177 -10.35 -18.60 -9.15
N SER B 178 -11.07 -19.57 -8.57
CA SER B 178 -12.50 -19.71 -8.80
C SER B 178 -13.27 -18.44 -8.41
N ILE B 179 -12.85 -17.82 -7.31
CA ILE B 179 -13.49 -16.60 -6.85
C ILE B 179 -13.07 -15.45 -7.75
N VAL B 180 -11.78 -15.38 -8.05
CA VAL B 180 -11.23 -14.34 -8.91
C VAL B 180 -11.97 -14.30 -10.25
N ASP B 181 -12.08 -15.46 -10.91
CA ASP B 181 -12.75 -15.52 -12.20
C ASP B 181 -14.23 -15.12 -12.09
N PHE B 182 -14.89 -15.57 -11.04
CA PHE B 182 -16.32 -15.27 -10.84
C PHE B 182 -16.57 -13.78 -10.59
N VAL B 183 -15.71 -13.15 -9.80
CA VAL B 183 -15.88 -11.74 -9.50
C VAL B 183 -15.55 -10.88 -10.72
N LYS B 184 -14.51 -11.26 -11.46
CA LYS B 184 -14.15 -10.50 -12.66
C LYS B 184 -15.24 -10.61 -13.72
N ASN B 185 -15.78 -11.80 -13.90
CA ASN B 185 -16.84 -11.99 -14.89
C ASN B 185 -18.06 -11.14 -14.55
N HIS B 186 -18.46 -11.14 -13.28
CA HIS B 186 -19.62 -10.38 -12.84
C HIS B 186 -19.40 -8.89 -13.11
N GLY B 187 -18.26 -8.37 -12.67
CA GLY B 187 -17.92 -6.98 -12.89
C GLY B 187 -18.75 -5.92 -12.17
N ASN B 188 -19.69 -6.32 -11.34
CA ASN B 188 -20.50 -5.31 -10.66
C ASN B 188 -20.61 -5.53 -9.15
N PHE B 189 -19.49 -5.92 -8.52
CA PHE B 189 -19.47 -6.10 -7.08
C PHE B 189 -19.13 -4.77 -6.41
N LYS B 190 -19.92 -4.42 -5.40
CA LYS B 190 -19.72 -3.17 -4.68
C LYS B 190 -19.07 -3.37 -3.32
N ALA B 191 -19.24 -4.56 -2.76
CA ALA B 191 -18.64 -4.88 -1.46
C ALA B 191 -18.06 -6.29 -1.49
N PHE B 192 -17.00 -6.49 -0.73
CA PHE B 192 -16.31 -7.79 -0.67
C PHE B 192 -15.92 -8.01 0.80
N LEU B 193 -16.57 -8.97 1.43
CA LEU B 193 -16.33 -9.28 2.83
C LEU B 193 -15.76 -10.69 3.04
N SER B 194 -14.60 -10.79 3.68
CA SER B 194 -14.01 -12.09 3.96
C SER B 194 -13.97 -12.27 5.48
N ILE B 195 -14.62 -13.33 5.97
CA ILE B 195 -14.70 -13.56 7.40
C ILE B 195 -13.75 -14.65 7.93
N HIS B 196 -13.07 -14.35 9.04
CA HIS B 196 -12.13 -15.26 9.68
C HIS B 196 -12.38 -15.19 11.20
N SER B 197 -11.50 -15.89 11.94
CA SER B 197 -11.48 -15.89 13.39
C SER B 197 -10.00 -16.21 13.68
N TYR B 198 -9.48 -15.81 14.84
CA TYR B 198 -10.20 -15.07 15.87
C TYR B 198 -9.36 -13.81 16.19
N SER B 199 -9.94 -12.89 16.98
CA SER B 199 -9.28 -11.66 17.43
C SER B 199 -10.25 -10.50 17.65
N GLN B 200 -11.46 -10.62 17.12
CA GLN B 200 -12.46 -9.57 17.25
C GLN B 200 -11.93 -8.27 16.68
N LEU B 201 -11.75 -8.25 15.36
CA LEU B 201 -11.26 -7.08 14.64
C LEU B 201 -12.06 -6.88 13.36
N LEU B 202 -12.08 -5.65 12.88
CA LEU B 202 -12.74 -5.31 11.62
C LEU B 202 -11.62 -4.59 10.86
N LEU B 203 -11.15 -5.20 9.77
CA LEU B 203 -10.05 -4.63 9.00
C LEU B 203 -10.36 -4.20 7.57
N TYR B 204 -9.62 -3.21 7.10
CA TYR B 204 -9.75 -2.73 5.73
C TYR B 204 -8.32 -2.64 5.16
N PRO B 205 -8.17 -2.50 3.83
CA PRO B 205 -6.83 -2.43 3.20
C PRO B 205 -5.95 -1.31 3.75
N TYR B 206 -4.62 -1.45 3.65
CA TYR B 206 -3.96 -2.62 3.05
C TYR B 206 -3.16 -3.42 4.06
N GLY B 207 -2.81 -4.63 3.64
CA GLY B 207 -2.00 -5.51 4.46
C GLY B 207 -0.59 -5.62 3.89
N TYR B 208 -0.44 -5.48 2.57
CA TYR B 208 0.88 -5.60 1.92
C TYR B 208 1.71 -4.32 1.80
N THR B 209 1.11 -3.16 2.07
CA THR B 209 1.83 -1.89 1.95
C THR B 209 1.39 -0.91 3.02
N THR B 210 2.29 -0.01 3.42
CA THR B 210 1.97 0.98 4.44
C THR B 210 1.13 2.12 3.85
N GLN B 211 0.99 2.11 2.52
CA GLN B 211 0.21 3.12 1.82
C GLN B 211 -1.23 3.17 2.31
N SER B 212 -1.72 4.37 2.61
CA SER B 212 -3.10 4.52 3.06
C SER B 212 -3.99 4.51 1.83
N ILE B 213 -5.08 3.76 1.88
CA ILE B 213 -5.98 3.72 0.73
C ILE B 213 -6.61 5.09 0.55
N PRO B 214 -6.94 5.46 -0.69
CA PRO B 214 -7.56 6.76 -0.99
C PRO B 214 -8.89 6.98 -0.25
N ASP B 215 -9.58 5.88 0.06
CA ASP B 215 -10.87 5.96 0.74
C ASP B 215 -10.81 5.69 2.23
N LYS B 216 -9.64 5.89 2.83
CA LYS B 216 -9.45 5.62 4.26
C LYS B 216 -10.45 6.28 5.19
N THR B 217 -10.74 7.56 4.97
CA THR B 217 -11.68 8.27 5.82
C THR B 217 -13.04 7.59 5.81
N GLU B 218 -13.59 7.37 4.63
CA GLU B 218 -14.89 6.74 4.50
C GLU B 218 -14.93 5.34 5.11
N LEU B 219 -13.99 4.48 4.73
CA LEU B 219 -13.97 3.13 5.26
C LEU B 219 -13.77 3.08 6.77
N ASN B 220 -13.00 4.03 7.29
CA ASN B 220 -12.76 4.07 8.73
C ASN B 220 -14.07 4.42 9.45
N GLN B 221 -14.84 5.32 8.84
CA GLN B 221 -16.11 5.73 9.41
C GLN B 221 -17.10 4.57 9.37
N VAL B 222 -17.11 3.85 8.26
CA VAL B 222 -18.01 2.71 8.12
C VAL B 222 -17.66 1.63 9.15
N ALA B 223 -16.38 1.42 9.37
CA ALA B 223 -15.93 0.42 10.34
C ALA B 223 -16.34 0.85 11.76
N LYS B 224 -16.22 2.14 12.02
CA LYS B 224 -16.58 2.69 13.32
C LYS B 224 -18.05 2.40 13.63
N SER B 225 -18.89 2.62 12.64
CA SER B 225 -20.33 2.41 12.80
C SER B 225 -20.69 0.93 12.94
N ALA B 226 -20.01 0.09 12.17
CA ALA B 226 -20.28 -1.35 12.22
C ALA B 226 -19.92 -1.93 13.58
N VAL B 227 -18.78 -1.48 14.12
CA VAL B 227 -18.31 -1.93 15.41
C VAL B 227 -19.28 -1.53 16.52
N ALA B 228 -19.79 -0.30 16.45
CA ALA B 228 -20.74 0.17 17.46
C ALA B 228 -21.99 -0.68 17.43
N ALA B 229 -22.47 -0.97 16.22
CA ALA B 229 -23.67 -1.78 16.05
C ALA B 229 -23.47 -3.19 16.62
N LEU B 230 -22.34 -3.80 16.32
CA LEU B 230 -22.04 -5.15 16.80
C LEU B 230 -21.99 -5.21 18.32
N LYS B 231 -21.31 -4.24 18.92
CA LYS B 231 -21.17 -4.16 20.37
C LYS B 231 -22.50 -3.98 21.09
N SER B 232 -23.48 -3.37 20.42
CA SER B 232 -24.78 -3.09 21.02
C SER B 232 -25.55 -4.29 21.54
N LEU B 233 -25.26 -5.48 21.03
CA LEU B 233 -25.98 -6.68 21.46
C LEU B 233 -25.52 -7.27 22.79
N TYR B 234 -24.25 -7.69 22.84
CA TYR B 234 -23.70 -8.32 24.02
C TYR B 234 -22.51 -7.59 24.62
N GLY B 235 -22.19 -6.42 24.08
CA GLY B 235 -21.07 -5.66 24.60
C GLY B 235 -19.72 -6.15 24.11
N THR B 236 -19.73 -6.99 23.08
CA THR B 236 -18.50 -7.52 22.52
C THR B 236 -17.73 -6.38 21.88
N SER B 237 -16.46 -6.26 22.24
CA SER B 237 -15.64 -5.17 21.71
C SER B 237 -14.69 -5.58 20.60
N TYR B 238 -14.71 -4.80 19.53
CA TYR B 238 -13.86 -5.01 18.36
C TYR B 238 -12.96 -3.79 18.16
N LYS B 239 -11.78 -4.03 17.62
CA LYS B 239 -10.87 -2.94 17.29
C LYS B 239 -11.00 -2.88 15.77
N TYR B 240 -10.62 -1.77 15.17
CA TYR B 240 -10.71 -1.65 13.72
C TYR B 240 -9.59 -0.78 13.19
N GLY B 241 -9.31 -0.94 11.90
CA GLY B 241 -8.26 -0.17 11.26
C GLY B 241 -7.71 -0.95 10.09
N SER B 242 -6.64 -0.46 9.47
CA SER B 242 -6.05 -1.15 8.35
C SER B 242 -5.31 -2.39 8.83
N ILE B 243 -5.22 -3.39 7.95
CA ILE B 243 -4.54 -4.64 8.28
C ILE B 243 -3.10 -4.45 8.80
N ILE B 244 -2.30 -3.70 8.07
CA ILE B 244 -0.90 -3.50 8.44
C ILE B 244 -0.71 -2.72 9.75
N THR B 245 -1.61 -1.78 10.01
CA THR B 245 -1.58 -0.95 11.21
C THR B 245 -2.17 -1.65 12.44
N THR B 246 -3.08 -2.59 12.21
CA THR B 246 -3.76 -3.28 13.29
C THR B 246 -3.15 -4.60 13.75
N ILE B 247 -2.78 -5.46 12.82
CA ILE B 247 -2.18 -6.74 13.22
C ILE B 247 -0.73 -6.90 12.79
N TYR B 248 -0.46 -6.81 11.49
CA TYR B 248 0.90 -6.97 10.98
C TYR B 248 0.90 -6.94 9.47
N GLN B 249 2.08 -6.86 8.87
CA GLN B 249 2.15 -6.87 7.41
C GLN B 249 1.74 -8.27 6.97
N ALA B 250 0.93 -8.34 5.92
CA ALA B 250 0.47 -9.62 5.40
C ALA B 250 0.27 -9.41 3.91
N SER B 251 0.92 -10.23 3.11
CA SER B 251 0.83 -10.10 1.66
C SER B 251 -0.05 -11.17 1.01
N GLY B 252 -0.64 -10.83 -0.13
CA GLY B 252 -1.48 -11.76 -0.85
C GLY B 252 -2.86 -12.01 -0.25
N GLY B 253 -3.36 -11.06 0.54
CA GLY B 253 -4.67 -11.20 1.16
C GLY B 253 -5.80 -10.80 0.22
N SER B 254 -6.94 -11.48 0.32
CA SER B 254 -8.07 -11.24 -0.57
C SER B 254 -8.65 -9.84 -0.65
N ILE B 255 -8.77 -9.15 0.48
CA ILE B 255 -9.35 -7.80 0.48
C ILE B 255 -8.48 -6.73 -0.18
N ASP B 256 -7.16 -6.95 -0.17
CA ASP B 256 -6.27 -5.99 -0.82
C ASP B 256 -6.46 -6.17 -2.32
N TRP B 257 -6.68 -7.41 -2.74
CA TRP B 257 -6.91 -7.71 -4.13
C TRP B 257 -8.25 -7.13 -4.58
N SER B 258 -9.30 -7.39 -3.81
CA SER B 258 -10.63 -6.89 -4.17
C SER B 258 -10.63 -5.36 -4.26
N TYR B 259 -10.03 -4.70 -3.28
CA TYR B 259 -9.99 -3.25 -3.28
C TYR B 259 -9.22 -2.75 -4.52
N ASN B 260 -8.12 -3.40 -4.88
CA ASN B 260 -7.37 -2.99 -6.07
C ASN B 260 -8.15 -3.26 -7.35
N GLN B 261 -9.23 -4.03 -7.22
CA GLN B 261 -10.05 -4.35 -8.36
C GLN B 261 -11.16 -3.29 -8.51
N GLY B 262 -11.22 -2.36 -7.56
CA GLY B 262 -12.22 -1.30 -7.62
C GLY B 262 -13.40 -1.52 -6.69
N ILE B 263 -13.37 -2.60 -5.92
CA ILE B 263 -14.46 -2.90 -4.99
C ILE B 263 -14.11 -2.11 -3.72
N LYS B 264 -14.65 -0.90 -3.62
CA LYS B 264 -14.38 0.00 -2.50
C LYS B 264 -14.61 -0.54 -1.10
N TYR B 265 -15.77 -1.16 -0.87
CA TYR B 265 -16.10 -1.68 0.45
C TYR B 265 -15.60 -3.10 0.69
N SER B 266 -14.30 -3.21 0.92
CA SER B 266 -13.66 -4.49 1.15
C SER B 266 -13.21 -4.55 2.61
N PHE B 267 -13.85 -5.43 3.38
CA PHE B 267 -13.57 -5.61 4.80
C PHE B 267 -13.36 -7.06 5.19
N THR B 268 -12.60 -7.27 6.24
CA THR B 268 -12.38 -8.61 6.77
C THR B 268 -12.75 -8.54 8.24
N PHE B 269 -13.57 -9.50 8.68
CA PHE B 269 -13.98 -9.59 10.07
C PHE B 269 -13.17 -10.73 10.69
N GLU B 270 -12.72 -10.54 11.93
CA GLU B 270 -12.02 -11.57 12.69
C GLU B 270 -12.98 -11.74 13.88
N LEU B 271 -13.72 -12.84 13.88
CA LEU B 271 -14.71 -13.10 14.93
C LEU B 271 -14.14 -13.47 16.30
N ARG B 272 -15.05 -13.84 17.19
CA ARG B 272 -14.67 -14.23 18.55
C ARG B 272 -13.81 -15.48 18.53
N ASP B 273 -13.01 -15.69 19.57
CA ASP B 273 -12.96 -14.72 20.66
C ASP B 273 -11.69 -13.91 20.57
N THR B 274 -10.78 -13.61 22.46
CA THR B 274 -9.57 -12.90 22.05
C THR B 274 -8.39 -13.82 22.38
N GLY B 275 -8.67 -15.11 22.46
CA GLY B 275 -7.62 -16.07 22.75
C GLY B 275 -7.95 -17.09 23.82
N ARG B 276 -9.02 -16.87 24.58
CA ARG B 276 -9.38 -17.82 25.62
C ARG B 276 -9.60 -19.21 25.02
N TYR B 277 -10.42 -19.28 23.98
CA TYR B 277 -10.70 -20.55 23.29
C TYR B 277 -10.10 -20.57 21.89
N GLY B 278 -9.88 -19.39 21.32
CA GLY B 278 -9.31 -19.28 20.00
C GLY B 278 -10.14 -19.97 18.92
N PHE B 279 -9.50 -20.87 18.19
CA PHE B 279 -10.18 -21.60 17.12
C PHE B 279 -11.17 -22.62 17.66
N LEU B 280 -11.02 -23.01 18.92
CA LEU B 280 -11.93 -24.00 19.49
C LEU B 280 -13.05 -23.35 20.29
N LEU B 281 -13.70 -22.36 19.70
CA LEU B 281 -14.80 -21.65 20.32
C LEU B 281 -15.91 -22.64 20.66
N PRO B 282 -16.46 -22.58 21.88
CA PRO B 282 -17.53 -23.51 22.28
C PRO B 282 -18.78 -23.34 21.42
N ALA B 283 -19.47 -24.44 21.15
CA ALA B 283 -20.68 -24.40 20.33
C ALA B 283 -21.74 -23.47 20.89
N SER B 284 -21.70 -23.24 22.20
CA SER B 284 -22.67 -22.36 22.85
C SER B 284 -22.53 -20.90 22.47
N GLN B 285 -21.46 -20.57 21.75
CA GLN B 285 -21.25 -19.17 21.35
C GLN B 285 -21.55 -18.95 19.87
N ILE B 286 -21.92 -20.01 19.16
CA ILE B 286 -22.23 -19.89 17.73
C ILE B 286 -23.33 -18.87 17.45
N ILE B 287 -24.51 -19.08 18.04
CA ILE B 287 -25.63 -18.16 17.81
C ILE B 287 -25.34 -16.73 18.25
N PRO B 288 -24.82 -16.52 19.47
CA PRO B 288 -24.52 -15.16 19.92
C PRO B 288 -23.55 -14.45 18.97
N THR B 289 -22.51 -15.18 18.55
CA THR B 289 -21.51 -14.62 17.64
C THR B 289 -22.15 -14.24 16.30
N ALA B 290 -22.94 -15.14 15.75
CA ALA B 290 -23.61 -14.89 14.48
C ALA B 290 -24.59 -13.72 14.60
N GLN B 291 -25.28 -13.64 15.73
CA GLN B 291 -26.24 -12.56 15.93
C GLN B 291 -25.61 -11.17 15.96
N GLU B 292 -24.52 -11.02 16.71
CA GLU B 292 -23.86 -9.72 16.79
C GLU B 292 -23.13 -9.38 15.50
N THR B 293 -22.52 -10.38 14.87
CA THR B 293 -21.80 -10.17 13.63
C THR B 293 -22.76 -9.69 12.55
N TRP B 294 -23.98 -10.22 12.56
CA TRP B 294 -24.99 -9.82 11.59
C TRP B 294 -25.26 -8.32 11.64
N LEU B 295 -25.31 -7.76 12.85
CA LEU B 295 -25.56 -6.33 12.98
C LEU B 295 -24.41 -5.55 12.35
N GLY B 296 -23.20 -6.09 12.48
CA GLY B 296 -22.03 -5.45 11.90
C GLY B 296 -22.05 -5.51 10.38
N VAL B 297 -22.39 -6.67 9.83
CA VAL B 297 -22.44 -6.84 8.38
C VAL B 297 -23.57 -6.01 7.78
N LEU B 298 -24.72 -6.01 8.44
CA LEU B 298 -25.88 -5.25 7.96
C LEU B 298 -25.50 -3.76 7.83
N THR B 299 -24.79 -3.25 8.84
CA THR B 299 -24.34 -1.86 8.85
C THR B 299 -23.54 -1.51 7.59
N ILE B 300 -22.62 -2.41 7.23
CA ILE B 300 -21.78 -2.20 6.04
C ILE B 300 -22.65 -2.24 4.78
N MET B 301 -23.57 -3.20 4.72
CA MET B 301 -24.44 -3.33 3.56
C MET B 301 -25.29 -2.08 3.36
N GLU B 302 -25.82 -1.54 4.45
CA GLU B 302 -26.65 -0.33 4.36
C GLU B 302 -25.88 0.84 3.79
N HIS B 303 -24.62 0.96 4.16
CA HIS B 303 -23.79 2.05 3.68
C HIS B 303 -23.50 1.85 2.19
N THR B 304 -23.49 0.60 1.76
CA THR B 304 -23.23 0.25 0.37
C THR B 304 -24.39 0.63 -0.53
N VAL B 305 -25.60 0.42 -0.05
CA VAL B 305 -26.79 0.73 -0.83
C VAL B 305 -26.93 2.23 -1.07
N ASN B 306 -26.71 3.02 -0.03
CA ASN B 306 -26.83 4.47 -0.12
C ASN B 306 -25.58 5.12 -0.70
N ASN B 307 -24.63 4.30 -1.14
CA ASN B 307 -23.38 4.79 -1.71
C ASN B 307 -22.91 3.93 -2.88
N ALA C 1 14.94 -19.61 4.65
CA ALA C 1 13.47 -19.43 4.49
C ALA C 1 12.79 -20.75 4.12
N ARG C 2 13.54 -21.84 4.25
CA ARG C 2 13.02 -23.18 3.93
C ARG C 2 14.07 -24.24 4.30
N SER C 3 15.11 -23.79 5.00
CA SER C 3 16.20 -24.66 5.45
C SER C 3 16.96 -23.86 6.51
N THR C 4 17.26 -24.48 7.64
CA THR C 4 17.96 -23.77 8.69
C THR C 4 19.32 -23.26 8.21
N ASN C 5 19.75 -23.75 7.04
CA ASN C 5 21.03 -23.32 6.48
C ASN C 5 20.88 -22.10 5.58
N THR C 6 19.64 -21.74 5.25
CA THR C 6 19.39 -20.55 4.42
C THR C 6 18.81 -19.45 5.29
N PHE C 7 18.54 -19.77 6.55
CA PHE C 7 17.99 -18.81 7.49
C PHE C 7 19.03 -17.75 7.83
N ASN C 8 18.62 -16.49 7.89
CA ASN C 8 19.53 -15.39 8.19
C ASN C 8 19.61 -15.12 9.69
N TYR C 9 20.65 -15.66 10.32
CA TYR C 9 20.86 -15.49 11.76
C TYR C 9 21.37 -14.11 12.14
N ALA C 10 21.73 -13.32 11.14
CA ALA C 10 22.28 -11.98 11.39
C ALA C 10 21.26 -10.86 11.25
N THR C 11 19.99 -11.19 11.39
CA THR C 11 18.95 -10.18 11.30
C THR C 11 17.85 -10.54 12.29
N TYR C 12 16.99 -9.58 12.60
CA TYR C 12 15.90 -9.80 13.53
C TYR C 12 14.68 -10.34 12.77
N HIS C 13 13.97 -11.28 13.38
CA HIS C 13 12.82 -11.91 12.77
C HIS C 13 11.51 -11.72 13.52
N THR C 14 10.41 -12.01 12.83
CA THR C 14 9.07 -11.90 13.40
C THR C 14 8.72 -13.22 14.08
N LEU C 15 7.59 -13.26 14.77
CA LEU C 15 7.18 -14.47 15.47
C LEU C 15 6.97 -15.63 14.48
N ASP C 16 6.28 -15.38 13.38
CA ASP C 16 6.04 -16.41 12.38
C ASP C 16 7.32 -17.05 11.86
N GLU C 17 8.33 -16.20 11.60
CA GLU C 17 9.59 -16.69 11.08
C GLU C 17 10.31 -17.59 12.09
N ILE C 18 10.27 -17.22 13.36
CA ILE C 18 10.92 -18.03 14.40
C ILE C 18 10.15 -19.34 14.60
N TYR C 19 8.83 -19.28 14.62
CA TYR C 19 8.04 -20.49 14.79
C TYR C 19 8.26 -21.44 13.61
N ASP C 20 8.38 -20.87 12.41
CA ASP C 20 8.62 -21.69 11.22
C ASP C 20 10.01 -22.31 11.32
N PHE C 21 10.97 -21.52 11.81
CA PHE C 21 12.33 -21.99 11.99
C PHE C 21 12.33 -23.25 12.87
N MET C 22 11.56 -23.20 13.95
CA MET C 22 11.48 -24.33 14.87
C MET C 22 11.05 -25.59 14.14
N ASP C 23 10.07 -25.49 13.25
CA ASP C 23 9.62 -26.65 12.50
C ASP C 23 10.67 -27.14 11.54
N LEU C 24 11.42 -26.23 10.93
CA LEU C 24 12.47 -26.64 10.00
C LEU C 24 13.57 -27.41 10.75
N LEU C 25 13.96 -26.90 11.91
CA LEU C 25 15.01 -27.56 12.70
C LEU C 25 14.59 -28.97 13.10
N VAL C 26 13.36 -29.11 13.59
CA VAL C 26 12.84 -30.41 14.01
C VAL C 26 12.83 -31.41 12.85
N ALA C 27 12.42 -30.95 11.67
CA ALA C 27 12.37 -31.81 10.49
C ALA C 27 13.76 -32.27 10.06
N GLN C 28 14.76 -31.42 10.26
CA GLN C 28 16.13 -31.72 9.87
C GLN C 28 16.90 -32.59 10.86
N HIS C 29 16.53 -32.52 12.14
CA HIS C 29 17.21 -33.28 13.17
C HIS C 29 16.20 -33.96 14.10
N PRO C 30 15.38 -34.86 13.55
CA PRO C 30 14.33 -35.60 14.27
C PRO C 30 14.81 -36.41 15.47
N GLU C 31 16.00 -37.00 15.35
CA GLU C 31 16.55 -37.83 16.42
C GLU C 31 17.11 -37.04 17.59
N LEU C 32 17.19 -35.72 17.44
CA LEU C 32 17.76 -34.88 18.49
C LEU C 32 16.83 -33.83 19.08
N VAL C 33 16.00 -33.23 18.25
CA VAL C 33 15.11 -32.18 18.72
C VAL C 33 13.63 -32.38 18.39
N SER C 34 12.79 -32.06 19.37
CA SER C 34 11.34 -32.15 19.21
C SER C 34 10.75 -30.84 19.73
N LYS C 35 9.57 -30.49 19.24
CA LYS C 35 8.90 -29.26 19.66
C LYS C 35 7.71 -29.57 20.56
N LEU C 36 7.69 -28.97 21.74
CA LEU C 36 6.61 -29.19 22.70
C LEU C 36 5.80 -27.94 22.96
N GLN C 37 4.48 -28.10 23.07
CA GLN C 37 3.63 -26.95 23.38
C GLN C 37 3.32 -27.10 24.87
N ILE C 38 3.77 -26.14 25.67
CA ILE C 38 3.55 -26.20 27.11
C ILE C 38 2.37 -25.33 27.56
N GLY C 39 1.74 -24.67 26.60
CA GLY C 39 0.60 -23.82 26.93
C GLY C 39 0.24 -22.87 25.80
N ARG C 40 -0.64 -21.93 26.10
CA ARG C 40 -1.05 -20.91 25.14
C ARG C 40 -1.00 -19.58 25.86
N SER C 41 -0.61 -18.53 25.14
CA SER C 41 -0.50 -17.20 25.70
C SER C 41 -1.89 -16.62 25.97
N TYR C 42 -1.92 -15.45 26.62
CA TYR C 42 -3.19 -14.80 26.92
C TYR C 42 -4.01 -14.63 25.64
N GLU C 43 -3.36 -14.26 24.54
CA GLU C 43 -4.07 -14.06 23.29
C GLU C 43 -4.16 -15.32 22.43
N GLY C 44 -4.00 -16.47 23.07
CA GLY C 44 -4.12 -17.75 22.40
C GLY C 44 -3.01 -18.30 21.53
N ARG C 45 -1.85 -17.65 21.49
CA ARG C 45 -0.76 -18.14 20.67
C ARG C 45 -0.07 -19.30 21.38
N PRO C 46 0.32 -20.33 20.62
CA PRO C 46 0.99 -21.47 21.27
C PRO C 46 2.33 -21.07 21.87
N ILE C 47 2.67 -21.69 23.00
CA ILE C 47 3.95 -21.41 23.67
C ILE C 47 4.79 -22.67 23.43
N TYR C 48 5.87 -22.53 22.67
CA TYR C 48 6.70 -23.68 22.35
C TYR C 48 8.05 -23.73 23.04
N VAL C 49 8.49 -24.96 23.31
CA VAL C 49 9.79 -25.21 23.92
C VAL C 49 10.45 -26.28 23.04
N LEU C 50 11.74 -26.13 22.79
CA LEU C 50 12.47 -27.11 22.00
C LEU C 50 13.21 -28.01 22.96
N LYS C 51 13.03 -29.32 22.81
CA LYS C 51 13.68 -30.29 23.67
C LYS C 51 14.81 -30.97 22.92
N PHE C 52 16.03 -30.85 23.43
CA PHE C 52 17.18 -31.48 22.81
C PHE C 52 17.52 -32.65 23.71
N SER C 53 17.52 -33.85 23.15
CA SER C 53 17.81 -35.04 23.94
C SER C 53 18.43 -36.14 23.10
N THR C 54 19.30 -36.91 23.73
CA THR C 54 19.97 -38.00 23.04
C THR C 54 19.30 -39.32 23.42
N GLY C 55 18.24 -39.23 24.21
CA GLY C 55 17.51 -40.42 24.62
C GLY C 55 17.32 -40.51 26.12
N GLY C 56 17.38 -41.74 26.64
CA GLY C 56 17.23 -41.96 28.07
C GLY C 56 15.82 -41.81 28.60
N SER C 57 15.65 -42.10 29.89
CA SER C 57 14.34 -42.00 30.54
C SER C 57 14.04 -40.53 30.83
N ASN C 58 14.39 -40.08 32.03
CA ASN C 58 14.17 -38.70 32.42
C ASN C 58 15.46 -38.07 32.93
N ARG C 59 16.46 -38.00 32.05
CA ARG C 59 17.74 -37.41 32.40
C ARG C 59 17.55 -36.08 33.11
N PRO C 60 18.54 -35.67 33.92
CA PRO C 60 18.41 -34.38 34.61
C PRO C 60 18.39 -33.38 33.47
N ALA C 61 17.75 -32.23 33.66
CA ALA C 61 17.68 -31.28 32.57
C ALA C 61 18.16 -29.88 32.86
N ILE C 62 18.34 -29.12 31.78
CA ILE C 62 18.77 -27.73 31.85
C ILE C 62 17.68 -26.89 31.20
N TRP C 63 17.20 -25.88 31.90
CA TRP C 63 16.18 -25.00 31.34
C TRP C 63 16.78 -23.66 30.91
N ILE C 64 16.38 -23.19 29.73
CA ILE C 64 16.85 -21.92 29.22
C ILE C 64 15.68 -21.20 28.57
N ASP C 65 15.35 -20.01 29.06
CA ASP C 65 14.28 -19.25 28.45
C ASP C 65 14.80 -17.87 28.04
N LEU C 66 14.23 -17.35 26.97
CA LEU C 66 14.63 -16.06 26.44
C LEU C 66 13.38 -15.27 26.05
N GLY C 67 13.54 -13.96 25.96
CA GLY C 67 12.44 -13.10 25.57
C GLY C 67 11.25 -13.02 26.50
N ILE C 68 11.45 -13.16 27.81
CA ILE C 68 10.32 -13.06 28.72
C ILE C 68 9.86 -11.59 28.67
N HIS C 69 10.79 -10.70 28.36
CA HIS C 69 10.50 -9.28 28.20
C HIS C 69 10.65 -9.06 26.70
N SER C 70 9.53 -8.84 26.03
CA SER C 70 9.48 -8.71 24.58
C SER C 70 10.43 -7.76 23.85
N ARG C 71 10.70 -6.59 24.42
CA ARG C 71 11.58 -5.62 23.76
C ARG C 71 13.06 -5.97 23.71
N GLU C 72 13.48 -6.96 24.47
CA GLU C 72 14.88 -7.37 24.50
C GLU C 72 15.17 -8.34 23.33
N TRP C 73 15.00 -7.81 22.13
CA TRP C 73 15.19 -8.57 20.88
C TRP C 73 16.48 -9.38 20.73
N ILE C 74 17.58 -8.93 21.31
CA ILE C 74 18.83 -9.68 21.18
C ILE C 74 18.68 -11.07 21.80
N THR C 75 17.78 -11.23 22.77
CA THR C 75 17.59 -12.53 23.40
C THR C 75 16.93 -13.55 22.48
N GLN C 76 15.83 -13.19 21.82
CA GLN C 76 15.18 -14.14 20.92
C GLN C 76 16.14 -14.50 19.78
N ALA C 77 16.91 -13.52 19.32
CA ALA C 77 17.88 -13.72 18.24
C ALA C 77 18.98 -14.69 18.67
N THR C 78 19.41 -14.56 19.93
CA THR C 78 20.44 -15.43 20.47
C THR C 78 19.87 -16.82 20.67
N GLY C 79 18.58 -16.89 21.03
CA GLY C 79 17.93 -18.16 21.23
C GLY C 79 17.90 -18.97 19.95
N VAL C 80 17.53 -18.33 18.84
CA VAL C 80 17.49 -18.99 17.54
C VAL C 80 18.87 -19.51 17.18
N TRP C 81 19.90 -18.69 17.41
CA TRP C 81 21.27 -19.08 17.12
C TRP C 81 21.69 -20.29 17.97
N PHE C 82 21.31 -20.30 19.24
CA PHE C 82 21.62 -21.41 20.15
C PHE C 82 21.04 -22.73 19.62
N ALA C 83 19.76 -22.70 19.24
CA ALA C 83 19.10 -23.89 18.72
C ALA C 83 19.90 -24.49 17.56
N LYS C 84 20.34 -23.63 16.65
CA LYS C 84 21.10 -24.11 15.51
C LYS C 84 22.45 -24.67 15.97
N LYS C 85 23.15 -23.93 16.82
CA LYS C 85 24.44 -24.40 17.29
C LYS C 85 24.41 -25.76 17.99
N PHE C 86 23.34 -26.04 18.73
CA PHE C 86 23.24 -27.31 19.41
C PHE C 86 23.33 -28.45 18.40
N THR C 87 22.59 -28.30 17.29
CA THR C 87 22.57 -29.33 16.25
C THR C 87 23.89 -29.40 15.46
N GLU C 88 24.66 -28.33 15.48
CA GLU C 88 25.94 -28.33 14.77
C GLU C 88 27.05 -28.97 15.61
N ASN C 89 27.11 -28.58 16.87
CA ASN C 89 28.15 -29.07 17.78
C ASN C 89 27.98 -30.44 18.40
N TYR C 90 26.76 -30.99 18.43
CA TYR C 90 26.62 -32.31 19.03
C TYR C 90 27.34 -33.34 18.17
N GLY C 91 28.18 -34.14 18.82
CA GLY C 91 28.94 -35.15 18.11
C GLY C 91 30.26 -34.59 17.61
N GLN C 92 30.33 -33.26 17.54
CA GLN C 92 31.54 -32.58 17.07
C GLN C 92 32.36 -31.98 18.20
N ASN C 93 31.71 -31.20 19.07
CA ASN C 93 32.39 -30.59 20.19
C ASN C 93 32.38 -31.59 21.34
N PRO C 94 33.55 -31.97 21.85
CA PRO C 94 33.69 -32.93 22.94
C PRO C 94 32.89 -32.57 24.20
N SER C 95 33.02 -31.32 24.63
CA SER C 95 32.33 -30.85 25.83
C SER C 95 30.81 -30.85 25.69
N PHE C 96 30.29 -30.24 24.63
CA PHE C 96 28.85 -30.20 24.44
C PHE C 96 28.28 -31.61 24.25
N THR C 97 28.98 -32.44 23.50
CA THR C 97 28.52 -33.81 23.27
C THR C 97 28.36 -34.53 24.60
N ALA C 98 29.34 -34.34 25.49
CA ALA C 98 29.30 -34.97 26.80
C ALA C 98 28.05 -34.53 27.56
N ILE C 99 27.72 -33.26 27.44
CA ILE C 99 26.56 -32.69 28.11
C ILE C 99 25.26 -33.33 27.64
N LEU C 100 25.03 -33.37 26.33
CA LEU C 100 23.80 -33.96 25.80
C LEU C 100 23.68 -35.46 25.99
N ASP C 101 24.80 -36.15 26.22
CA ASP C 101 24.78 -37.59 26.44
C ASP C 101 24.33 -37.92 27.85
N SER C 102 24.35 -36.92 28.72
CA SER C 102 23.95 -37.12 30.11
C SER C 102 22.72 -36.32 30.53
N MET C 103 22.43 -35.23 29.83
CA MET C 103 21.30 -34.39 30.19
C MET C 103 20.52 -33.86 28.99
N ASP C 104 19.28 -33.43 29.25
CA ASP C 104 18.44 -32.85 28.21
C ASP C 104 18.45 -31.34 28.38
N ILE C 105 18.25 -30.63 27.28
CA ILE C 105 18.21 -29.17 27.30
C ILE C 105 16.85 -28.69 26.78
N PHE C 106 16.16 -27.86 27.56
CA PHE C 106 14.87 -27.33 27.11
C PHE C 106 15.08 -25.85 26.83
N LEU C 107 14.73 -25.43 25.60
CA LEU C 107 14.93 -24.05 25.19
C LEU C 107 13.63 -23.37 24.77
N GLU C 108 13.28 -22.30 25.47
CA GLU C 108 12.08 -21.54 25.13
C GLU C 108 12.58 -20.22 24.55
N ILE C 109 12.52 -20.11 23.22
CA ILE C 109 12.99 -18.92 22.51
C ILE C 109 12.13 -17.68 22.65
N VAL C 110 10.81 -17.84 22.62
CA VAL C 110 9.89 -16.71 22.76
C VAL C 110 8.96 -17.00 23.95
N THR C 111 9.37 -16.57 25.13
CA THR C 111 8.61 -16.82 26.35
C THR C 111 7.35 -15.96 26.49
N ASN C 112 7.35 -14.81 25.83
CA ASN C 112 6.24 -13.85 25.86
C ASN C 112 5.89 -13.50 24.42
N PRO C 113 5.20 -14.42 23.71
CA PRO C 113 4.81 -14.20 22.32
C PRO C 113 3.83 -13.06 22.04
N ASN C 114 2.91 -12.78 22.96
CA ASN C 114 1.96 -11.69 22.74
C ASN C 114 2.72 -10.38 22.75
N GLY C 115 3.66 -10.27 23.69
CA GLY C 115 4.46 -9.07 23.78
C GLY C 115 5.34 -8.90 22.57
N PHE C 116 5.92 -10.00 22.11
CA PHE C 116 6.82 -9.99 20.94
C PHE C 116 6.08 -9.52 19.69
N ALA C 117 4.87 -10.03 19.48
CA ALA C 117 4.09 -9.63 18.31
C ALA C 117 3.82 -8.13 18.38
N PHE C 118 3.50 -7.65 19.57
CA PHE C 118 3.20 -6.24 19.79
C PHE C 118 4.42 -5.34 19.50
N THR C 119 5.62 -5.81 19.82
CA THR C 119 6.81 -4.98 19.57
C THR C 119 7.07 -4.81 18.08
N HIS C 120 6.54 -5.73 17.28
CA HIS C 120 6.70 -5.69 15.83
C HIS C 120 5.60 -4.87 15.15
N SER C 121 4.41 -4.85 15.73
CA SER C 121 3.30 -4.14 15.12
C SER C 121 2.99 -2.75 15.64
N GLU C 122 3.14 -2.53 16.94
CA GLU C 122 2.78 -1.21 17.48
C GLU C 122 3.73 -0.51 18.43
N ASN C 123 4.35 -1.23 19.35
CA ASN C 123 5.25 -0.60 20.30
C ASN C 123 6.54 -1.39 20.43
N ARG C 124 7.58 -0.93 19.74
CA ARG C 124 8.88 -1.56 19.73
C ARG C 124 9.47 -1.77 21.14
N LEU C 125 9.09 -0.91 22.08
CA LEU C 125 9.62 -1.00 23.44
C LEU C 125 8.71 -1.63 24.49
N TRP C 126 7.72 -2.43 24.06
CA TRP C 126 6.82 -3.07 25.01
C TRP C 126 7.57 -4.15 25.77
N ARG C 127 7.42 -4.13 27.09
CA ARG C 127 8.11 -5.07 27.98
C ARG C 127 7.24 -6.19 28.58
N LYS C 128 6.01 -5.83 28.94
CA LYS C 128 5.07 -6.74 29.60
C LYS C 128 4.29 -7.71 28.72
N THR C 129 3.41 -8.47 29.38
CA THR C 129 2.55 -9.41 28.69
C THR C 129 1.41 -8.57 28.10
N ARG C 130 0.36 -9.22 27.61
CA ARG C 130 -0.76 -8.53 27.00
C ARG C 130 -2.11 -8.79 27.69
N SER C 131 -2.09 -9.26 28.93
CA SER C 131 -3.33 -9.54 29.64
C SER C 131 -4.08 -8.28 30.02
N VAL C 132 -5.41 -8.37 29.99
CA VAL C 132 -6.26 -7.24 30.33
C VAL C 132 -7.05 -7.53 31.59
N THR C 133 -7.33 -6.47 32.34
CA THR C 133 -8.10 -6.58 33.57
C THR C 133 -8.97 -5.33 33.72
N SER C 134 -10.23 -5.55 34.10
CA SER C 134 -11.18 -4.47 34.28
C SER C 134 -10.75 -3.44 35.33
N SER C 135 -9.93 -3.87 36.28
CA SER C 135 -9.46 -2.99 37.33
C SER C 135 -8.66 -1.80 36.79
N SER C 136 -8.37 -1.83 35.50
CA SER C 136 -7.59 -0.75 34.88
C SER C 136 -7.70 -0.77 33.36
N LEU C 137 -7.32 0.34 32.73
CA LEU C 137 -7.34 0.45 31.27
C LEU C 137 -5.93 0.22 30.73
N CYS C 138 -4.98 0.04 31.64
CA CYS C 138 -3.61 -0.23 31.23
C CYS C 138 -3.52 -1.75 30.99
N VAL C 139 -2.62 -2.15 30.11
CA VAL C 139 -2.47 -3.56 29.75
C VAL C 139 -1.16 -4.21 30.17
N GLY C 140 -1.20 -5.52 30.43
CA GLY C 140 0.00 -6.26 30.74
C GLY C 140 0.57 -6.31 32.15
N VAL C 141 1.37 -7.35 32.37
CA VAL C 141 2.05 -7.59 33.64
C VAL C 141 3.52 -7.87 33.33
N ASP C 142 4.40 -7.47 34.23
CA ASP C 142 5.82 -7.73 34.06
C ASP C 142 5.98 -9.20 34.43
N ALA C 143 6.15 -10.05 33.42
CA ALA C 143 6.27 -11.49 33.66
C ALA C 143 7.44 -11.85 34.59
N ASN C 144 8.44 -10.99 34.71
CA ASN C 144 9.54 -11.31 35.61
C ASN C 144 9.41 -10.67 37.00
N ARG C 145 8.18 -10.37 37.39
CA ARG C 145 7.86 -9.83 38.71
C ARG C 145 6.61 -10.58 39.18
N ASN C 146 6.21 -11.56 38.38
CA ASN C 146 5.01 -12.36 38.62
C ASN C 146 5.23 -13.72 39.28
N TRP C 147 6.48 -14.09 39.52
CA TRP C 147 6.77 -15.39 40.11
C TRP C 147 6.59 -15.43 41.63
N ASP C 148 6.37 -16.63 42.16
CA ASP C 148 6.13 -16.84 43.60
C ASP C 148 7.44 -16.87 44.38
N ALA C 149 8.08 -15.71 44.48
CA ALA C 149 9.34 -15.57 45.22
C ALA C 149 9.35 -14.13 45.71
N GLY C 150 8.96 -13.94 46.96
CA GLY C 150 8.91 -12.59 47.51
C GLY C 150 7.91 -11.75 46.73
N PHE C 151 6.89 -12.41 46.16
CA PHE C 151 5.88 -11.73 45.37
C PHE C 151 5.28 -10.52 46.06
N GLY C 152 5.18 -9.41 45.32
CA GLY C 152 4.59 -8.20 45.87
C GLY C 152 5.46 -7.35 46.79
N LYS C 153 6.68 -7.82 47.09
CA LYS C 153 7.57 -7.05 47.95
C LYS C 153 8.27 -5.97 47.14
N ALA C 154 9.10 -5.18 47.81
CA ALA C 154 9.83 -4.11 47.14
C ALA C 154 10.53 -4.65 45.89
N GLY C 155 10.58 -3.85 44.84
CA GLY C 155 11.23 -4.29 43.61
C GLY C 155 10.22 -4.52 42.50
N ALA C 156 8.95 -4.25 42.80
CA ALA C 156 7.88 -4.41 41.83
C ALA C 156 6.83 -3.36 42.12
N SER C 157 6.07 -2.95 41.10
CA SER C 157 5.03 -1.94 41.27
C SER C 157 3.66 -2.56 41.41
N SER C 158 2.81 -1.96 42.24
CA SER C 158 1.46 -2.45 42.44
C SER C 158 0.47 -1.74 41.50
N SER C 159 0.98 -0.86 40.65
CA SER C 159 0.15 -0.13 39.70
C SER C 159 0.13 -0.80 38.33
N PRO C 160 -1.07 -1.17 37.85
CA PRO C 160 -1.27 -1.83 36.54
C PRO C 160 -0.59 -1.12 35.37
N CYS C 161 -0.45 0.20 35.47
CA CYS C 161 0.16 0.98 34.41
C CYS C 161 1.68 0.96 34.40
N SER C 162 2.28 0.41 35.46
CA SER C 162 3.73 0.38 35.55
C SER C 162 4.38 -0.67 34.67
N GLU C 163 5.58 -0.36 34.21
CA GLU C 163 6.33 -1.27 33.36
C GLU C 163 6.78 -2.46 34.21
N THR C 164 6.69 -2.29 35.53
CA THR C 164 7.10 -3.35 36.44
C THR C 164 5.95 -3.88 37.31
N TYR C 165 4.74 -3.74 36.82
CA TYR C 165 3.56 -4.22 37.55
C TYR C 165 3.66 -5.73 37.76
N HIS C 166 3.50 -6.16 39.01
CA HIS C 166 3.62 -7.58 39.34
C HIS C 166 2.36 -8.44 39.14
N GLY C 167 1.25 -7.81 38.77
CA GLY C 167 0.03 -8.56 38.57
C GLY C 167 -0.79 -8.73 39.83
N LYS C 168 -2.01 -9.25 39.69
CA LYS C 168 -2.91 -9.45 40.83
C LYS C 168 -2.44 -10.46 41.86
N TYR C 169 -1.71 -11.48 41.41
CA TYR C 169 -1.20 -12.51 42.31
C TYR C 169 -0.15 -13.34 41.59
N ALA C 170 0.69 -14.03 42.36
CA ALA C 170 1.76 -14.85 41.79
C ALA C 170 1.25 -15.90 40.80
N ASN C 171 1.94 -16.00 39.67
CA ASN C 171 1.59 -16.95 38.62
C ASN C 171 0.26 -16.61 37.94
N SER C 172 -0.16 -15.35 38.01
CA SER C 172 -1.41 -14.95 37.38
C SER C 172 -1.28 -15.01 35.86
N GLU C 173 -0.06 -14.84 35.36
CA GLU C 173 0.16 -14.87 33.92
C GLU C 173 0.34 -16.29 33.41
N VAL C 174 -0.42 -16.66 32.40
CA VAL C 174 -0.35 -18.00 31.85
C VAL C 174 1.02 -18.30 31.24
N GLU C 175 1.72 -17.27 30.76
CA GLU C 175 3.05 -17.48 30.21
C GLU C 175 3.99 -17.95 31.31
N VAL C 176 3.71 -17.50 32.53
CA VAL C 176 4.52 -17.86 33.69
C VAL C 176 4.08 -19.20 34.26
N LYS C 177 2.78 -19.37 34.47
CA LYS C 177 2.28 -20.61 35.03
C LYS C 177 2.63 -21.80 34.15
N SER C 178 2.66 -21.59 32.83
CA SER C 178 2.98 -22.67 31.89
C SER C 178 4.37 -23.24 32.17
N ILE C 179 5.30 -22.36 32.53
CA ILE C 179 6.66 -22.80 32.83
C ILE C 179 6.68 -23.47 34.19
N VAL C 180 6.05 -22.83 35.18
CA VAL C 180 5.99 -23.36 36.53
C VAL C 180 5.47 -24.80 36.55
N ASP C 181 4.35 -25.03 35.87
CA ASP C 181 3.76 -26.37 35.83
C ASP C 181 4.68 -27.37 35.12
N PHE C 182 5.29 -26.95 34.02
CA PHE C 182 6.18 -27.83 33.27
C PHE C 182 7.41 -28.24 34.07
N VAL C 183 7.99 -27.30 34.79
CA VAL C 183 9.17 -27.58 35.59
C VAL C 183 8.82 -28.44 36.80
N LYS C 184 7.70 -28.16 37.43
CA LYS C 184 7.27 -28.95 38.59
C LYS C 184 6.96 -30.39 38.18
N ASN C 185 6.31 -30.57 37.04
CA ASN C 185 5.97 -31.91 36.56
C ASN C 185 7.22 -32.73 36.27
N HIS C 186 8.19 -32.11 35.59
CA HIS C 186 9.43 -32.79 35.25
C HIS C 186 10.15 -33.25 36.52
N GLY C 187 10.36 -32.31 37.43
CA GLY C 187 10.99 -32.61 38.71
C GLY C 187 12.47 -32.93 38.73
N ASN C 188 13.12 -32.92 37.58
CA ASN C 188 14.54 -33.23 37.56
C ASN C 188 15.40 -32.19 36.84
N PHE C 189 15.10 -30.92 37.07
CA PHE C 189 15.87 -29.85 36.46
C PHE C 189 17.04 -29.52 37.38
N LYS C 190 18.23 -29.39 36.80
CA LYS C 190 19.43 -29.11 37.57
C LYS C 190 19.92 -27.66 37.39
N ALA C 191 19.58 -27.07 36.24
CA ALA C 191 19.97 -25.69 35.96
C ALA C 191 18.77 -24.93 35.39
N PHE C 192 18.72 -23.63 35.66
CA PHE C 192 17.63 -22.78 35.19
C PHE C 192 18.23 -21.43 34.80
N LEU C 193 18.25 -21.14 33.49
CA LEU C 193 18.82 -19.91 32.97
C LEU C 193 17.78 -19.03 32.28
N SER C 194 17.67 -17.78 32.72
CA SER C 194 16.74 -16.84 32.10
C SER C 194 17.57 -15.71 31.50
N ILE C 195 17.45 -15.51 30.19
CA ILE C 195 18.24 -14.50 29.50
C ILE C 195 17.48 -13.21 29.18
N HIS C 196 18.13 -12.08 29.48
CA HIS C 196 17.58 -10.74 29.26
C HIS C 196 18.66 -9.86 28.62
N SER C 197 18.33 -8.58 28.50
CA SER C 197 19.23 -7.53 28.01
C SER C 197 18.61 -6.26 28.61
N TYR C 198 19.40 -5.21 28.83
CA TYR C 198 20.83 -5.16 28.56
C TYR C 198 21.54 -4.75 29.86
N SER C 199 22.88 -4.85 29.88
CA SER C 199 23.71 -4.45 31.02
C SER C 199 25.01 -5.23 31.15
N GLN C 200 25.12 -6.35 30.46
CA GLN C 200 26.31 -7.19 30.52
C GLN C 200 26.58 -7.61 31.95
N LEU C 201 25.68 -8.44 32.48
CA LEU C 201 25.79 -8.94 33.84
C LEU C 201 25.40 -10.40 33.90
N LEU C 202 25.93 -11.10 34.90
CA LEU C 202 25.61 -12.50 35.14
C LEU C 202 25.17 -12.47 36.60
N LEU C 203 23.89 -12.73 36.84
CA LEU C 203 23.32 -12.69 38.19
C LEU C 203 22.83 -14.02 38.74
N TYR C 204 22.88 -14.14 40.07
CA TYR C 204 22.37 -15.33 40.76
C TYR C 204 21.49 -14.81 41.92
N PRO C 205 20.68 -15.68 42.55
CA PRO C 205 19.79 -15.28 43.65
C PRO C 205 20.52 -14.61 44.83
N TYR C 206 19.85 -13.76 45.59
CA TYR C 206 18.43 -13.40 45.39
C TYR C 206 18.24 -11.94 45.01
N GLY C 207 17.03 -11.65 44.55
CA GLY C 207 16.66 -10.30 44.19
C GLY C 207 15.65 -9.74 45.18
N TYR C 208 14.87 -10.61 45.82
CA TYR C 208 13.84 -10.15 46.78
C TYR C 208 14.28 -10.04 48.25
N THR C 209 15.41 -10.64 48.59
CA THR C 209 15.89 -10.59 49.97
C THR C 209 17.40 -10.38 50.03
N THR C 210 17.87 -9.76 51.11
CA THR C 210 19.30 -9.51 51.28
C THR C 210 20.00 -10.78 51.73
N GLN C 211 19.22 -11.80 52.04
CA GLN C 211 19.75 -13.09 52.49
C GLN C 211 20.67 -13.70 51.43
N SER C 212 21.87 -14.11 51.84
CA SER C 212 22.80 -14.72 50.89
C SER C 212 22.41 -16.19 50.77
N ILE C 213 22.32 -16.70 49.54
CA ILE C 213 21.96 -18.09 49.32
C ILE C 213 23.01 -19.01 49.94
N PRO C 214 22.61 -20.21 50.38
CA PRO C 214 23.53 -21.18 50.98
C PRO C 214 24.66 -21.60 50.06
N ASP C 215 24.41 -21.55 48.76
CA ASP C 215 25.40 -21.95 47.76
C ASP C 215 26.13 -20.79 47.11
N LYS C 216 26.17 -19.65 47.79
CA LYS C 216 26.82 -18.45 47.28
C LYS C 216 28.25 -18.64 46.79
N THR C 217 29.08 -19.34 47.56
CA THR C 217 30.47 -19.54 47.17
C THR C 217 30.58 -20.29 45.86
N GLU C 218 29.84 -21.39 45.73
CA GLU C 218 29.87 -22.19 44.52
C GLU C 218 29.34 -21.42 43.30
N LEU C 219 28.20 -20.76 43.44
CA LEU C 219 27.63 -20.01 42.32
C LEU C 219 28.50 -18.82 41.92
N ASN C 220 29.16 -18.21 42.89
CA ASN C 220 30.02 -17.08 42.61
C ASN C 220 31.21 -17.56 41.78
N GLN C 221 31.70 -18.74 42.12
CA GLN C 221 32.82 -19.36 41.42
C GLN C 221 32.42 -19.67 39.99
N VAL C 222 31.25 -20.28 39.83
CA VAL C 222 30.74 -20.63 38.51
C VAL C 222 30.58 -19.38 37.65
N ALA C 223 30.06 -18.31 38.25
CA ALA C 223 29.86 -17.06 37.52
C ALA C 223 31.20 -16.46 37.10
N LYS C 224 32.17 -16.55 37.99
CA LYS C 224 33.51 -16.03 37.71
C LYS C 224 34.10 -16.71 36.49
N SER C 225 33.98 -18.03 36.44
CA SER C 225 34.51 -18.82 35.33
C SER C 225 33.75 -18.58 34.03
N ALA C 226 32.44 -18.38 34.14
CA ALA C 226 31.61 -18.14 32.97
C ALA C 226 31.95 -16.79 32.33
N VAL C 227 32.11 -15.77 33.17
CA VAL C 227 32.44 -14.43 32.70
C VAL C 227 33.81 -14.41 32.01
N ALA C 228 34.78 -15.15 32.55
CA ALA C 228 36.11 -15.20 31.96
C ALA C 228 36.05 -15.84 30.57
N ALA C 229 35.28 -16.91 30.46
CA ALA C 229 35.11 -17.62 29.20
C ALA C 229 34.48 -16.70 28.15
N LEU C 230 33.41 -16.00 28.54
CA LEU C 230 32.72 -15.09 27.63
C LEU C 230 33.64 -13.98 27.12
N LYS C 231 34.37 -13.36 28.05
CA LYS C 231 35.28 -12.28 27.74
C LYS C 231 36.40 -12.69 26.77
N SER C 232 36.73 -13.98 26.76
CA SER C 232 37.81 -14.50 25.92
C SER C 232 37.68 -14.29 24.42
N LEU C 233 36.45 -14.19 23.91
CA LEU C 233 36.26 -14.02 22.46
C LEU C 233 36.50 -12.62 21.93
N TYR C 234 35.75 -11.65 22.44
CA TYR C 234 35.85 -10.27 21.98
C TYR C 234 36.25 -9.28 23.06
N GLY C 235 36.49 -9.77 24.27
CA GLY C 235 36.89 -8.88 25.35
C GLY C 235 35.74 -8.18 26.04
N THR C 236 34.52 -8.64 25.76
CA THR C 236 33.33 -8.07 26.36
C THR C 236 33.38 -8.31 27.87
N SER C 237 33.23 -7.23 28.64
CA SER C 237 33.29 -7.34 30.09
C SER C 237 31.93 -7.40 30.77
N TYR C 238 31.80 -8.38 31.66
CA TYR C 238 30.58 -8.59 32.43
C TYR C 238 30.87 -8.49 33.92
N LYS C 239 29.90 -8.01 34.67
CA LYS C 239 30.02 -7.93 36.14
C LYS C 239 29.15 -9.09 36.58
N TYR C 240 29.35 -9.57 37.80
CA TYR C 240 28.55 -10.68 38.30
C TYR C 240 28.36 -10.58 39.81
N GLY C 241 27.29 -11.19 40.29
CA GLY C 241 26.97 -11.17 41.70
C GLY C 241 25.49 -11.44 41.89
N SER C 242 25.02 -11.30 43.13
CA SER C 242 23.60 -11.54 43.39
C SER C 242 22.80 -10.37 42.83
N ILE C 243 21.55 -10.64 42.48
CA ILE C 243 20.66 -9.62 41.93
C ILE C 243 20.57 -8.35 42.79
N ILE C 244 20.24 -8.52 44.06
CA ILE C 244 20.07 -7.37 44.96
C ILE C 244 21.32 -6.55 45.22
N THR C 245 22.48 -7.19 45.18
CA THR C 245 23.76 -6.51 45.41
C THR C 245 24.32 -5.88 44.14
N THR C 246 23.90 -6.40 42.99
CA THR C 246 24.42 -5.92 41.72
C THR C 246 23.61 -4.86 41.01
N ILE C 247 22.28 -4.99 40.99
CA ILE C 247 21.46 -3.98 40.33
C ILE C 247 20.50 -3.28 41.28
N TYR C 248 19.65 -4.04 41.95
CA TYR C 248 18.68 -3.45 42.87
C TYR C 248 17.72 -4.52 43.37
N GLN C 249 16.99 -4.24 44.44
CA GLN C 249 16.04 -5.20 44.94
C GLN C 249 15.00 -5.37 43.84
N ALA C 250 14.57 -6.61 43.62
CA ALA C 250 13.58 -6.92 42.60
C ALA C 250 12.84 -8.15 43.09
N SER C 251 11.52 -8.05 43.21
CA SER C 251 10.73 -9.17 43.70
C SER C 251 9.96 -9.90 42.61
N GLY C 252 9.70 -11.18 42.85
CA GLY C 252 8.94 -11.97 41.89
C GLY C 252 9.68 -12.43 40.65
N GLY C 253 11.01 -12.43 40.70
CA GLY C 253 11.82 -12.85 39.56
C GLY C 253 11.93 -14.37 39.46
N SER C 254 12.04 -14.88 38.24
CA SER C 254 12.09 -16.31 37.99
C SER C 254 13.21 -17.14 38.62
N ILE C 255 14.43 -16.60 38.65
CA ILE C 255 15.54 -17.35 39.20
C ILE C 255 15.48 -17.54 40.72
N ASP C 256 14.83 -16.60 41.41
CA ASP C 256 14.68 -16.71 42.85
C ASP C 256 13.68 -17.84 43.09
N TRP C 257 12.68 -17.92 42.23
CA TRP C 257 11.67 -18.98 42.34
C TRP C 257 12.30 -20.34 42.06
N SER C 258 13.03 -20.45 40.95
CA SER C 258 13.65 -21.72 40.60
C SER C 258 14.64 -22.18 41.66
N TYR C 259 15.45 -21.27 42.18
CA TYR C 259 16.40 -21.63 43.21
C TYR C 259 15.66 -22.17 44.43
N ASN C 260 14.55 -21.52 44.81
CA ASN C 260 13.79 -21.97 45.97
C ASN C 260 13.10 -23.30 45.71
N GLN C 261 13.12 -23.73 44.46
CA GLN C 261 12.52 -24.99 44.09
C GLN C 261 13.56 -26.12 44.21
N GLY C 262 14.80 -25.75 44.49
CA GLY C 262 15.86 -26.73 44.62
C GLY C 262 16.78 -26.80 43.40
N ILE C 263 16.51 -25.96 42.41
CA ILE C 263 17.34 -25.92 41.20
C ILE C 263 18.53 -25.01 41.53
N LYS C 264 19.60 -25.62 42.01
CA LYS C 264 20.80 -24.89 42.43
C LYS C 264 21.41 -23.92 41.43
N TYR C 265 21.64 -24.37 40.20
CA TYR C 265 22.25 -23.51 39.19
C TYR C 265 21.25 -22.64 38.46
N SER C 266 20.82 -21.58 39.14
CA SER C 266 19.85 -20.63 38.61
C SER C 266 20.56 -19.31 38.34
N PHE C 267 20.69 -18.98 37.06
CA PHE C 267 21.37 -17.75 36.64
C PHE C 267 20.58 -16.94 35.64
N THR C 268 20.83 -15.64 35.61
CA THR C 268 20.20 -14.75 34.64
C THR C 268 21.32 -13.98 33.96
N PHE C 269 21.27 -13.95 32.65
CA PHE C 269 22.25 -13.23 31.85
C PHE C 269 21.59 -11.94 31.37
N GLU C 270 22.35 -10.85 31.40
CA GLU C 270 21.88 -9.55 30.89
C GLU C 270 22.90 -9.32 29.78
N LEU C 271 22.48 -9.51 28.54
CA LEU C 271 23.34 -9.39 27.39
C LEU C 271 23.72 -7.95 27.03
N ARG C 272 24.43 -7.81 25.91
CA ARG C 272 24.86 -6.50 25.45
C ARG C 272 23.66 -5.62 25.09
N ASP C 273 23.85 -4.32 25.14
CA ASP C 273 25.14 -3.76 25.51
C ASP C 273 24.93 -3.09 26.86
N THR C 274 26.29 -1.49 27.08
CA THR C 274 26.01 -1.06 28.44
C THR C 274 25.12 0.19 28.42
N GLY C 275 24.45 0.40 27.29
CA GLY C 275 23.56 1.54 27.19
C GLY C 275 23.67 2.36 25.92
N ARG C 276 24.73 2.14 25.13
CA ARG C 276 24.88 2.91 23.89
C ARG C 276 23.68 2.72 23.00
N TYR C 277 23.30 1.47 22.77
CA TYR C 277 22.14 1.15 21.94
C TYR C 277 20.99 0.59 22.78
N GLY C 278 21.34 0.00 23.92
CA GLY C 278 20.34 -0.55 24.80
C GLY C 278 19.52 -1.66 24.16
N PHE C 279 18.21 -1.49 24.17
CA PHE C 279 17.31 -2.49 23.59
C PHE C 279 17.35 -2.51 22.07
N LEU C 280 17.83 -1.43 21.47
CA LEU C 280 17.91 -1.36 20.00
C LEU C 280 19.30 -1.72 19.50
N LEU C 281 19.81 -2.86 19.97
CA LEU C 281 21.14 -3.35 19.57
C LEU C 281 21.14 -3.61 18.07
N PRO C 282 22.14 -3.09 17.34
CA PRO C 282 22.23 -3.29 15.89
C PRO C 282 22.32 -4.77 15.50
N ALA C 283 21.71 -5.12 14.38
CA ALA C 283 21.72 -6.51 13.92
C ALA C 283 23.13 -7.05 13.69
N SER C 284 24.07 -6.16 13.44
CA SER C 284 25.46 -6.56 13.21
C SER C 284 26.13 -7.14 14.45
N GLN C 285 25.47 -7.01 15.59
CA GLN C 285 26.04 -7.54 16.82
C GLN C 285 25.39 -8.84 17.29
N ILE C 286 24.36 -9.29 16.56
CA ILE C 286 23.65 -10.52 16.92
C ILE C 286 24.58 -11.74 17.03
N ILE C 287 25.27 -12.06 15.95
CA ILE C 287 26.15 -13.23 15.96
C ILE C 287 27.28 -13.12 17.01
N PRO C 288 27.97 -11.97 17.05
CA PRO C 288 29.05 -11.80 18.03
C PRO C 288 28.52 -11.98 19.46
N THR C 289 27.35 -11.40 19.73
CA THR C 289 26.74 -11.51 21.05
C THR C 289 26.44 -12.97 21.37
N ALA C 290 25.80 -13.65 20.42
CA ALA C 290 25.45 -15.04 20.62
C ALA C 290 26.69 -15.91 20.78
N GLN C 291 27.72 -15.63 20.00
CA GLN C 291 28.96 -16.40 20.08
C GLN C 291 29.62 -16.35 21.44
N GLU C 292 29.77 -15.15 21.99
CA GLU C 292 30.43 -15.00 23.29
C GLU C 292 29.53 -15.51 24.42
N THR C 293 28.23 -15.30 24.29
CA THR C 293 27.29 -15.74 25.30
C THR C 293 27.30 -17.26 25.39
N TRP C 294 27.45 -17.93 24.25
CA TRP C 294 27.50 -19.39 24.22
C TRP C 294 28.63 -19.94 25.10
N LEU C 295 29.79 -19.28 25.06
CA LEU C 295 30.92 -19.73 25.86
C LEU C 295 30.57 -19.65 27.35
N GLY C 296 29.82 -18.61 27.71
CA GLY C 296 29.42 -18.44 29.10
C GLY C 296 28.43 -19.48 29.56
N VAL C 297 27.45 -19.79 28.71
CA VAL C 297 26.42 -20.77 29.02
C VAL C 297 27.02 -22.18 29.04
N LEU C 298 27.95 -22.45 28.13
CA LEU C 298 28.58 -23.77 28.06
C LEU C 298 29.33 -24.02 29.38
N THR C 299 30.00 -22.99 29.88
CA THR C 299 30.75 -23.09 31.11
C THR C 299 29.85 -23.50 32.27
N ILE C 300 28.66 -22.90 32.34
CA ILE C 300 27.71 -23.22 33.40
C ILE C 300 27.22 -24.66 33.24
N MET C 301 26.90 -25.04 32.01
CA MET C 301 26.44 -26.40 31.73
C MET C 301 27.47 -27.45 32.16
N GLU C 302 28.73 -27.21 31.83
CA GLU C 302 29.79 -28.15 32.19
C GLU C 302 29.86 -28.39 33.69
N HIS C 303 29.74 -27.30 34.46
CA HIS C 303 29.78 -27.38 35.91
C HIS C 303 28.60 -28.21 36.42
N THR C 304 27.47 -28.09 35.73
CA THR C 304 26.25 -28.81 36.10
C THR C 304 26.40 -30.31 35.89
N VAL C 305 27.07 -30.69 34.80
CA VAL C 305 27.29 -32.10 34.47
C VAL C 305 28.18 -32.78 35.51
N ASN C 306 29.24 -32.08 35.93
CA ASN C 306 30.17 -32.63 36.89
C ASN C 306 29.76 -32.39 38.34
N ASN C 307 28.51 -31.97 38.52
CA ASN C 307 27.97 -31.71 39.86
C ASN C 307 26.49 -32.04 39.91
N ALA D 1 14.76 13.92 -29.17
CA ALA D 1 13.60 13.70 -30.08
C ALA D 1 13.13 12.25 -30.04
N ARG D 2 13.68 11.43 -30.93
CA ARG D 2 13.33 10.01 -31.00
C ARG D 2 14.59 9.16 -30.88
N SER D 3 15.22 9.24 -29.71
CA SER D 3 16.44 8.53 -29.37
C SER D 3 17.12 9.38 -28.30
N THR D 4 17.50 8.76 -27.19
CA THR D 4 18.15 9.52 -26.14
C THR D 4 19.47 10.08 -26.65
N ASN D 5 19.96 9.56 -27.77
CA ASN D 5 21.21 10.04 -28.34
C ASN D 5 21.00 11.33 -29.11
N THR D 6 19.76 11.62 -29.48
CA THR D 6 19.44 12.84 -30.23
C THR D 6 18.85 13.91 -29.33
N PHE D 7 18.53 13.53 -28.09
CA PHE D 7 17.93 14.44 -27.12
C PHE D 7 18.92 15.57 -26.75
N ASN D 8 18.40 16.80 -26.64
CA ASN D 8 19.23 17.96 -26.31
C ASN D 8 19.38 18.11 -24.79
N TYR D 9 20.51 17.68 -24.26
CA TYR D 9 20.76 17.75 -22.82
C TYR D 9 21.19 19.13 -22.35
N ALA D 10 21.56 20.00 -23.28
CA ALA D 10 22.02 21.34 -22.96
C ALA D 10 20.92 22.40 -22.97
N THR D 11 19.68 22.00 -22.78
CA THR D 11 18.58 22.96 -22.75
C THR D 11 17.54 22.50 -21.72
N TYR D 12 16.68 23.41 -21.29
CA TYR D 12 15.64 23.09 -20.31
C TYR D 12 14.42 22.53 -21.03
N HIS D 13 13.78 21.55 -20.41
CA HIS D 13 12.61 20.89 -21.01
C HIS D 13 11.32 21.00 -20.20
N THR D 14 10.22 20.69 -20.86
CA THR D 14 8.91 20.71 -20.24
C THR D 14 8.67 19.37 -19.60
N LEU D 15 7.58 19.27 -18.84
CA LEU D 15 7.24 18.04 -18.17
C LEU D 15 7.02 16.91 -19.18
N ASP D 16 6.26 17.19 -20.24
CA ASP D 16 6.00 16.18 -21.25
C ASP D 16 7.27 15.64 -21.90
N GLU D 17 8.22 16.53 -22.19
CA GLU D 17 9.46 16.12 -22.83
C GLU D 17 10.29 15.22 -21.92
N ILE D 18 10.28 15.50 -20.63
CA ILE D 18 11.04 14.70 -19.67
C ILE D 18 10.39 13.32 -19.51
N TYR D 19 9.06 13.29 -19.43
CA TYR D 19 8.33 12.04 -19.29
C TYR D 19 8.51 11.18 -20.54
N ASP D 20 8.60 11.81 -21.71
CA ASP D 20 8.83 11.07 -22.96
C ASP D 20 10.24 10.50 -22.94
N PHE D 21 11.18 11.29 -22.42
CA PHE D 21 12.58 10.87 -22.32
C PHE D 21 12.69 9.57 -21.52
N MET D 22 11.92 9.48 -20.45
CA MET D 22 11.93 8.29 -19.61
C MET D 22 11.50 7.06 -20.40
N ASP D 23 10.47 7.20 -21.22
CA ASP D 23 9.99 6.08 -22.02
C ASP D 23 11.02 5.65 -23.05
N LEU D 24 11.72 6.61 -23.65
CA LEU D 24 12.74 6.30 -24.63
C LEU D 24 13.89 5.57 -23.95
N LEU D 25 14.36 6.09 -22.82
CA LEU D 25 15.47 5.45 -22.13
C LEU D 25 15.15 4.00 -21.77
N VAL D 26 13.96 3.76 -21.21
CA VAL D 26 13.56 2.40 -20.84
C VAL D 26 13.47 1.49 -22.08
N ALA D 27 12.96 2.04 -23.17
CA ALA D 27 12.83 1.27 -24.41
C ALA D 27 14.21 0.90 -24.99
N GLN D 28 15.22 1.73 -24.70
CA GLN D 28 16.57 1.50 -25.21
C GLN D 28 17.44 0.63 -24.30
N HIS D 29 17.14 0.62 -23.01
CA HIS D 29 17.92 -0.18 -22.06
C HIS D 29 17.00 -0.95 -21.13
N PRO D 30 16.20 -1.88 -21.68
CA PRO D 30 15.22 -2.73 -20.99
C PRO D 30 15.79 -3.59 -19.86
N GLU D 31 16.99 -4.09 -20.04
CA GLU D 31 17.61 -4.95 -19.04
C GLU D 31 18.24 -4.18 -17.89
N LEU D 32 18.25 -2.87 -17.99
CA LEU D 32 18.87 -2.05 -16.96
C LEU D 32 17.93 -1.10 -16.23
N VAL D 33 16.99 -0.51 -16.97
CA VAL D 33 16.07 0.44 -16.37
C VAL D 33 14.59 0.20 -16.61
N SER D 34 13.79 0.47 -15.59
CA SER D 34 12.35 0.33 -15.66
C SER D 34 11.71 1.57 -15.02
N LYS D 35 10.50 1.89 -15.45
CA LYS D 35 9.79 3.05 -14.93
C LYS D 35 8.68 2.61 -13.99
N LEU D 36 8.69 3.15 -12.78
CA LEU D 36 7.68 2.82 -11.79
C LEU D 36 6.84 4.04 -11.44
N GLN D 37 5.54 3.85 -11.27
CA GLN D 37 4.67 4.95 -10.88
C GLN D 37 4.42 4.75 -9.40
N ILE D 38 4.92 5.65 -8.57
CA ILE D 38 4.76 5.53 -7.13
C ILE D 38 3.58 6.30 -6.56
N GLY D 39 2.80 6.93 -7.43
CA GLY D 39 1.65 7.69 -6.98
C GLY D 39 1.21 8.72 -7.99
N ARG D 40 0.24 9.55 -7.59
CA ARG D 40 -0.26 10.61 -8.45
C ARG D 40 -0.22 11.92 -7.67
N SER D 41 0.12 12.99 -8.37
CA SER D 41 0.19 14.32 -7.77
C SER D 41 -1.20 14.80 -7.35
N TYR D 42 -1.25 15.95 -6.68
CA TYR D 42 -2.52 16.51 -6.23
C TYR D 42 -3.48 16.69 -7.41
N GLU D 43 -2.95 17.19 -8.54
CA GLU D 43 -3.78 17.42 -9.73
C GLU D 43 -3.90 16.18 -10.63
N GLY D 44 -3.51 15.03 -10.10
CA GLY D 44 -3.63 13.78 -10.83
C GLY D 44 -2.53 13.35 -11.79
N ARG D 45 -1.41 14.06 -11.84
CA ARG D 45 -0.34 13.68 -12.75
C ARG D 45 0.43 12.49 -12.19
N PRO D 46 0.83 11.55 -13.06
CA PRO D 46 1.57 10.40 -12.54
C PRO D 46 2.95 10.78 -12.00
N ILE D 47 3.35 10.17 -10.90
CA ILE D 47 4.66 10.42 -10.31
C ILE D 47 5.53 9.22 -10.65
N TYR D 48 6.59 9.45 -11.42
CA TYR D 48 7.47 8.36 -11.85
C TYR D 48 8.86 8.34 -11.22
N VAL D 49 9.36 7.12 -11.02
CA VAL D 49 10.69 6.90 -10.49
C VAL D 49 11.36 5.91 -11.45
N LEU D 50 12.62 6.19 -11.80
CA LEU D 50 13.35 5.28 -12.69
C LEU D 50 14.20 4.39 -11.81
N LYS D 51 14.10 3.09 -12.05
CA LYS D 51 14.84 2.11 -11.28
C LYS D 51 15.96 1.51 -12.11
N PHE D 52 17.20 1.71 -11.68
CA PHE D 52 18.35 1.16 -12.38
C PHE D 52 18.77 -0.05 -11.57
N SER D 53 18.77 -1.22 -12.19
CA SER D 53 19.14 -2.45 -11.51
C SER D 53 19.67 -3.50 -12.48
N THR D 54 20.56 -4.35 -11.99
CA THR D 54 21.13 -5.40 -12.80
C THR D 54 20.61 -6.76 -12.36
N GLY D 55 19.70 -6.73 -11.38
CA GLY D 55 19.13 -7.98 -10.88
C GLY D 55 18.90 -7.98 -9.39
N GLY D 56 18.82 -9.17 -8.80
CA GLY D 56 18.60 -9.27 -7.37
C GLY D 56 17.14 -9.10 -7.00
N SER D 57 16.84 -9.40 -5.74
CA SER D 57 15.48 -9.30 -5.22
C SER D 57 15.22 -7.93 -4.64
N ASN D 58 15.80 -7.67 -3.47
CA ASN D 58 15.64 -6.39 -2.79
C ASN D 58 17.01 -5.88 -2.37
N ARG D 59 17.87 -5.68 -3.35
CA ARG D 59 19.22 -5.22 -3.11
C ARG D 59 19.27 -3.88 -2.40
N PRO D 60 20.34 -3.64 -1.62
CA PRO D 60 20.42 -2.36 -0.92
C PRO D 60 20.30 -1.28 -2.01
N ALA D 61 19.64 -0.17 -1.68
CA ALA D 61 19.42 0.86 -2.68
C ALA D 61 19.82 2.27 -2.31
N ILE D 62 19.96 3.08 -3.35
CA ILE D 62 20.31 4.49 -3.22
C ILE D 62 19.14 5.29 -3.75
N TRP D 63 18.67 6.26 -2.98
CA TRP D 63 17.57 7.10 -3.41
C TRP D 63 18.09 8.48 -3.80
N ILE D 64 17.62 8.99 -4.94
CA ILE D 64 18.00 10.31 -5.41
C ILE D 64 16.75 11.03 -5.93
N ASP D 65 16.42 12.18 -5.35
CA ASP D 65 15.27 12.93 -5.86
C ASP D 65 15.71 14.33 -6.24
N LEU D 66 15.08 14.87 -7.27
CA LEU D 66 15.39 16.20 -7.75
C LEU D 66 14.07 16.90 -8.03
N GLY D 67 14.11 18.23 -8.07
CA GLY D 67 12.91 19.00 -8.37
C GLY D 67 11.77 19.02 -7.37
N ILE D 68 12.04 18.75 -6.10
CA ILE D 68 10.97 18.79 -5.11
C ILE D 68 10.45 20.23 -5.07
N HIS D 69 11.35 21.17 -5.37
CA HIS D 69 10.99 22.59 -5.46
C HIS D 69 11.02 22.90 -6.97
N SER D 70 9.85 23.12 -7.55
CA SER D 70 9.72 23.32 -8.99
C SER D 70 10.60 24.34 -9.70
N ARG D 71 10.85 25.49 -9.09
CA ARG D 71 11.66 26.53 -9.73
C ARG D 71 13.17 26.26 -9.85
N GLU D 72 13.66 25.23 -9.19
CA GLU D 72 15.08 24.90 -9.24
C GLU D 72 15.35 24.01 -10.47
N TRP D 73 15.07 24.58 -11.64
CA TRP D 73 15.21 23.90 -12.93
C TRP D 73 16.51 23.16 -13.20
N ILE D 74 17.62 23.65 -12.67
CA ILE D 74 18.89 22.98 -12.90
C ILE D 74 18.85 21.55 -12.33
N THR D 75 17.98 21.31 -11.36
CA THR D 75 17.91 19.97 -10.76
C THR D 75 17.25 18.93 -11.68
N GLN D 76 16.09 19.24 -12.26
CA GLN D 76 15.46 18.27 -13.16
C GLN D 76 16.36 18.03 -14.39
N ALA D 77 17.05 19.08 -14.82
CA ALA D 77 17.95 19.00 -15.97
C ALA D 77 19.13 18.09 -15.64
N THR D 78 19.61 18.17 -14.41
CA THR D 78 20.73 17.34 -13.97
C THR D 78 20.27 15.89 -13.84
N GLY D 79 19.01 15.71 -13.42
CA GLY D 79 18.47 14.36 -13.27
C GLY D 79 18.38 13.66 -14.61
N VAL D 80 17.97 14.39 -15.65
CA VAL D 80 17.87 13.83 -16.99
C VAL D 80 19.26 13.36 -17.47
N TRP D 81 20.27 14.20 -17.22
CA TRP D 81 21.64 13.86 -17.61
C TRP D 81 22.15 12.64 -16.84
N PHE D 82 21.81 12.56 -15.55
CA PHE D 82 22.22 11.43 -14.72
C PHE D 82 21.68 10.11 -15.27
N ALA D 83 20.39 10.12 -15.60
CA ALA D 83 19.72 8.93 -16.13
C ALA D 83 20.45 8.38 -17.35
N LYS D 84 20.85 9.27 -18.25
CA LYS D 84 21.56 8.88 -19.46
C LYS D 84 22.95 8.41 -19.09
N LYS D 85 23.60 9.16 -18.21
CA LYS D 85 24.95 8.84 -17.75
C LYS D 85 25.01 7.41 -17.20
N PHE D 86 24.01 7.03 -16.40
CA PHE D 86 23.97 5.69 -15.80
C PHE D 86 24.02 4.60 -16.87
N THR D 87 23.23 4.74 -17.93
CA THR D 87 23.19 3.74 -19.00
C THR D 87 24.48 3.73 -19.82
N GLU D 88 25.16 4.86 -19.89
CA GLU D 88 26.41 4.96 -20.65
C GLU D 88 27.64 4.43 -19.92
N ASN D 89 27.70 4.63 -18.61
CA ASN D 89 28.87 4.19 -17.85
C ASN D 89 28.84 2.77 -17.31
N TYR D 90 27.67 2.17 -17.17
CA TYR D 90 27.62 0.81 -16.67
C TYR D 90 28.32 -0.10 -17.69
N GLY D 91 29.34 -0.82 -17.23
CA GLY D 91 30.07 -1.72 -18.11
C GLY D 91 31.32 -1.06 -18.66
N GLN D 92 31.40 0.27 -18.55
CA GLN D 92 32.56 1.02 -19.05
C GLN D 92 33.39 1.61 -17.91
N ASN D 93 32.73 2.12 -16.89
CA ASN D 93 33.42 2.70 -15.75
C ASN D 93 33.49 1.64 -14.65
N PRO D 94 34.71 1.24 -14.27
CA PRO D 94 34.95 0.23 -13.24
C PRO D 94 34.25 0.50 -11.92
N SER D 95 34.32 1.74 -11.45
CA SER D 95 33.71 2.12 -10.18
C SER D 95 32.19 2.07 -10.20
N PHE D 96 31.57 2.71 -11.20
CA PHE D 96 30.12 2.72 -11.29
C PHE D 96 29.57 1.31 -11.55
N THR D 97 30.26 0.55 -12.39
CA THR D 97 29.83 -0.80 -12.70
C THR D 97 29.76 -1.64 -11.41
N ALA D 98 30.76 -1.49 -10.55
CA ALA D 98 30.80 -2.22 -9.29
C ALA D 98 29.58 -1.86 -8.43
N ILE D 99 29.23 -0.59 -8.44
CA ILE D 99 28.09 -0.13 -7.66
C ILE D 99 26.78 -0.75 -8.15
N LEU D 100 26.50 -0.64 -9.44
CA LEU D 100 25.27 -1.20 -9.99
C LEU D 100 25.22 -2.72 -9.96
N ASP D 101 26.37 -3.38 -9.83
CA ASP D 101 26.38 -4.84 -9.77
C ASP D 101 25.93 -5.35 -8.40
N SER D 102 25.92 -4.48 -7.41
CA SER D 102 25.52 -4.88 -6.06
C SER D 102 24.38 -4.06 -5.47
N MET D 103 24.05 -2.91 -6.06
CA MET D 103 22.97 -2.08 -5.54
C MET D 103 22.07 -1.53 -6.63
N ASP D 104 20.86 -1.15 -6.24
CA ASP D 104 19.90 -0.55 -7.16
C ASP D 104 19.93 0.94 -6.91
N ILE D 105 19.58 1.72 -7.94
CA ILE D 105 19.53 3.17 -7.81
C ILE D 105 18.13 3.59 -8.25
N PHE D 106 17.47 4.41 -7.44
CA PHE D 106 16.14 4.90 -7.76
C PHE D 106 16.23 6.41 -7.98
N LEU D 107 15.87 6.85 -9.18
CA LEU D 107 15.95 8.25 -9.53
C LEU D 107 14.60 8.90 -9.82
N GLU D 108 14.26 9.93 -9.05
CA GLU D 108 13.01 10.63 -9.27
C GLU D 108 13.38 12.02 -9.79
N ILE D 109 13.26 12.20 -11.10
CA ILE D 109 13.61 13.44 -11.76
C ILE D 109 12.67 14.63 -11.52
N VAL D 110 11.37 14.36 -11.50
CA VAL D 110 10.40 15.45 -11.26
C VAL D 110 9.54 15.07 -10.06
N THR D 111 10.02 15.43 -8.87
CA THR D 111 9.35 15.12 -7.61
C THR D 111 8.08 15.93 -7.36
N ASN D 112 8.00 17.11 -7.97
CA ASN D 112 6.85 18.00 -7.83
C ASN D 112 6.38 18.33 -9.24
N PRO D 113 5.66 17.40 -9.89
CA PRO D 113 5.19 17.65 -11.26
C PRO D 113 4.18 18.78 -11.44
N ASN D 114 3.27 18.96 -10.49
CA ASN D 114 2.28 20.03 -10.60
C ASN D 114 2.98 21.38 -10.59
N GLY D 115 3.93 21.55 -9.66
CA GLY D 115 4.66 22.81 -9.58
C GLY D 115 5.51 23.03 -10.80
N PHE D 116 6.12 21.96 -11.31
CA PHE D 116 6.97 22.07 -12.49
C PHE D 116 6.16 22.60 -13.69
N ALA D 117 5.01 21.98 -13.92
CA ALA D 117 4.15 22.41 -15.02
C ALA D 117 3.77 23.88 -14.83
N PHE D 118 3.53 24.26 -13.58
CA PHE D 118 3.14 25.64 -13.26
C PHE D 118 4.26 26.63 -13.57
N THR D 119 5.52 26.22 -13.39
CA THR D 119 6.64 27.11 -13.67
C THR D 119 6.79 27.37 -15.17
N HIS D 120 6.25 26.47 -15.98
CA HIS D 120 6.33 26.59 -17.44
C HIS D 120 5.20 27.40 -18.06
N SER D 121 4.05 27.46 -17.40
CA SER D 121 2.91 28.18 -17.97
C SER D 121 2.41 29.40 -17.21
N GLU D 122 2.68 29.46 -15.91
CA GLU D 122 2.19 30.58 -15.11
C GLU D 122 3.25 31.39 -14.35
N ASN D 123 3.90 30.75 -13.39
CA ASN D 123 4.90 31.43 -12.55
C ASN D 123 6.22 30.67 -12.53
N ARG D 124 7.21 31.21 -13.24
CA ARG D 124 8.54 30.61 -13.34
C ARG D 124 9.23 30.38 -11.99
N LEU D 125 8.88 31.19 -11.00
CA LEU D 125 9.50 31.06 -9.68
C LEU D 125 8.67 30.31 -8.64
N TRP D 126 7.66 29.55 -9.08
CA TRP D 126 6.84 28.82 -8.13
C TRP D 126 7.69 27.75 -7.46
N ARG D 127 7.57 27.62 -6.15
CA ARG D 127 8.36 26.67 -5.36
C ARG D 127 7.60 25.50 -4.73
N LYS D 128 6.36 25.76 -4.33
CA LYS D 128 5.54 24.77 -3.64
C LYS D 128 4.76 23.79 -4.51
N THR D 129 3.92 23.00 -3.85
CA THR D 129 3.05 22.05 -4.51
C THR D 129 1.87 22.86 -5.03
N ARG D 130 0.83 22.18 -5.50
CA ARG D 130 -0.36 22.84 -6.05
C ARG D 130 -1.65 22.52 -5.30
N SER D 131 -1.54 21.99 -4.08
CA SER D 131 -2.75 21.64 -3.34
C SER D 131 -3.52 22.85 -2.84
N VAL D 132 -4.84 22.70 -2.80
CA VAL D 132 -5.71 23.78 -2.36
C VAL D 132 -6.39 23.39 -1.06
N THR D 133 -6.45 24.33 -0.11
CA THR D 133 -7.10 24.07 1.16
C THR D 133 -8.08 25.17 1.53
N SER D 134 -9.36 24.79 1.56
CA SER D 134 -10.47 25.67 1.89
C SER D 134 -10.16 26.98 2.58
N SER D 135 -9.75 26.89 3.85
CA SER D 135 -9.44 28.05 4.68
C SER D 135 -8.51 29.13 4.11
N SER D 136 -8.16 29.04 2.82
CA SER D 136 -7.27 30.03 2.23
C SER D 136 -7.33 30.10 0.71
N LEU D 137 -7.11 31.28 0.17
CA LEU D 137 -7.11 31.47 -1.27
C LEU D 137 -5.72 31.18 -1.82
N CYS D 138 -4.75 31.03 -0.92
CA CYS D 138 -3.39 30.72 -1.35
C CYS D 138 -3.25 29.23 -1.60
N VAL D 139 -2.39 28.89 -2.55
CA VAL D 139 -2.19 27.51 -2.96
C VAL D 139 -0.80 26.97 -2.66
N GLY D 140 -0.73 25.66 -2.41
CA GLY D 140 0.53 24.99 -2.21
C GLY D 140 1.20 24.95 -0.86
N VAL D 141 2.00 23.91 -0.69
CA VAL D 141 2.76 23.63 0.52
C VAL D 141 4.23 23.41 0.13
N ASP D 142 5.15 23.84 0.99
CA ASP D 142 6.57 23.63 0.71
C ASP D 142 6.81 22.15 1.00
N ALA D 143 6.98 21.35 -0.05
CA ALA D 143 7.19 19.92 0.12
C ALA D 143 8.42 19.58 0.97
N ASN D 144 9.38 20.49 1.09
CA ASN D 144 10.54 20.19 1.92
C ASN D 144 10.48 20.81 3.33
N ARG D 145 9.25 20.92 3.85
CA ARG D 145 8.99 21.43 5.19
C ARG D 145 7.82 20.60 5.71
N ASN D 146 7.41 19.65 4.88
CA ASN D 146 6.26 18.78 5.15
C ASN D 146 6.58 17.38 5.69
N TRP D 147 7.86 17.07 5.86
CA TRP D 147 8.24 15.74 6.33
C TRP D 147 8.14 15.60 7.85
N ASP D 148 7.98 14.37 8.31
CA ASP D 148 7.85 14.08 9.74
C ASP D 148 9.20 14.09 10.46
N ALA D 149 9.79 15.26 10.57
CA ALA D 149 11.07 15.43 11.23
C ALA D 149 11.05 16.82 11.81
N GLY D 150 10.63 16.92 13.07
CA GLY D 150 10.55 18.21 13.74
C GLY D 150 9.50 19.07 13.06
N PHE D 151 8.49 18.42 12.48
CA PHE D 151 7.43 19.13 11.78
C PHE D 151 6.78 20.25 12.59
N GLY D 152 6.50 21.37 11.93
CA GLY D 152 5.85 22.49 12.59
C GLY D 152 6.75 23.37 13.46
N LYS D 153 7.97 22.92 13.72
CA LYS D 153 8.87 23.71 14.54
C LYS D 153 9.50 24.86 13.76
N ALA D 154 10.29 25.67 14.44
CA ALA D 154 10.95 26.81 13.82
C ALA D 154 11.67 26.41 12.54
N GLY D 155 11.62 27.27 11.54
CA GLY D 155 12.28 26.97 10.28
C GLY D 155 11.30 26.67 9.16
N ALA D 156 10.02 26.92 9.45
CA ALA D 156 8.95 26.70 8.49
C ALA D 156 7.86 27.70 8.83
N SER D 157 7.11 28.13 7.82
CA SER D 157 6.04 29.11 8.05
C SER D 157 4.68 28.46 8.27
N SER D 158 3.85 29.13 9.07
CA SER D 158 2.51 28.62 9.36
C SER D 158 1.46 29.36 8.53
N SER D 159 1.90 30.35 7.75
CA SER D 159 0.95 31.09 6.91
C SER D 159 0.86 30.35 5.57
N PRO D 160 -0.35 29.97 5.16
CA PRO D 160 -0.57 29.25 3.91
C PRO D 160 -0.02 29.96 2.67
N CYS D 161 0.06 31.28 2.72
CA CYS D 161 0.54 32.06 1.59
C CYS D 161 2.05 32.13 1.50
N SER D 162 2.73 31.65 2.54
CA SER D 162 4.18 31.67 2.58
C SER D 162 4.85 30.65 1.66
N GLU D 163 6.04 31.01 1.21
CA GLU D 163 6.86 30.20 0.33
C GLU D 163 7.39 28.98 1.09
N THR D 164 7.33 29.04 2.42
CA THR D 164 7.82 27.96 3.25
C THR D 164 6.76 27.34 4.16
N TYR D 165 5.50 27.49 3.77
CA TYR D 165 4.37 26.94 4.52
C TYR D 165 4.53 25.42 4.67
N HIS D 166 4.48 24.92 5.91
CA HIS D 166 4.66 23.49 6.15
C HIS D 166 3.45 22.58 5.91
N GLY D 167 2.26 23.15 5.71
CA GLY D 167 1.09 22.33 5.50
C GLY D 167 0.34 22.07 6.81
N LYS D 168 -0.84 21.47 6.72
CA LYS D 168 -1.65 21.19 7.91
C LYS D 168 -1.05 20.16 8.86
N TYR D 169 -0.42 19.14 8.31
CA TYR D 169 0.21 18.11 9.14
C TYR D 169 1.28 17.36 8.34
N ALA D 170 2.18 16.68 9.04
CA ALA D 170 3.27 15.96 8.39
C ALA D 170 2.75 14.97 7.34
N ASN D 171 3.38 14.99 6.16
CA ASN D 171 3.03 14.11 5.06
C ASN D 171 1.66 14.39 4.44
N SER D 172 1.19 15.63 4.55
CA SER D 172 -0.11 15.99 3.99
C SER D 172 -0.06 15.98 2.46
N GLU D 173 1.10 16.30 1.89
CA GLU D 173 1.23 16.33 0.44
C GLU D 173 1.47 14.93 -0.12
N VAL D 174 0.67 14.55 -1.11
CA VAL D 174 0.79 13.23 -1.71
C VAL D 174 2.17 13.02 -2.35
N GLU D 175 2.77 14.10 -2.83
CA GLU D 175 4.09 14.00 -3.44
C GLU D 175 5.10 13.52 -2.40
N VAL D 176 4.92 13.97 -1.16
CA VAL D 176 5.82 13.58 -0.07
C VAL D 176 5.46 12.19 0.44
N LYS D 177 4.17 11.95 0.69
CA LYS D 177 3.77 10.63 1.19
C LYS D 177 4.13 9.50 0.24
N SER D 178 4.07 9.78 -1.07
CA SER D 178 4.39 8.76 -2.07
C SER D 178 5.82 8.23 -1.89
N ILE D 179 6.75 9.13 -1.59
CA ILE D 179 8.14 8.73 -1.36
C ILE D 179 8.26 7.99 -0.02
N VAL D 180 7.65 8.55 1.03
CA VAL D 180 7.70 7.93 2.35
C VAL D 180 7.22 6.48 2.30
N ASP D 181 6.06 6.25 1.66
CA ASP D 181 5.52 4.90 1.59
C ASP D 181 6.42 3.94 0.82
N PHE D 182 6.97 4.41 -0.29
CA PHE D 182 7.84 3.59 -1.12
C PHE D 182 9.13 3.23 -0.38
N VAL D 183 9.72 4.22 0.30
CA VAL D 183 10.96 3.98 1.04
C VAL D 183 10.70 3.04 2.21
N LYS D 184 9.60 3.25 2.92
CA LYS D 184 9.27 2.37 4.05
C LYS D 184 8.99 0.95 3.60
N ASN D 185 8.20 0.80 2.54
CA ASN D 185 7.89 -0.54 2.03
C ASN D 185 9.15 -1.29 1.60
N HIS D 186 10.03 -0.59 0.89
CA HIS D 186 11.28 -1.17 0.41
C HIS D 186 12.11 -1.67 1.58
N GLY D 187 12.30 -0.79 2.55
CA GLY D 187 13.04 -1.13 3.76
C GLY D 187 14.52 -1.37 3.63
N ASN D 188 15.10 -1.24 2.43
CA ASN D 188 16.52 -1.48 2.31
C ASN D 188 17.32 -0.37 1.64
N PHE D 189 16.94 0.88 1.88
CA PHE D 189 17.69 1.99 1.32
C PHE D 189 18.89 2.29 2.22
N LYS D 190 20.04 2.56 1.61
CA LYS D 190 21.25 2.84 2.37
C LYS D 190 21.71 4.28 2.21
N ALA D 191 21.24 4.92 1.15
CA ALA D 191 21.60 6.32 0.90
C ALA D 191 20.34 7.02 0.41
N PHE D 192 20.22 8.30 0.79
CA PHE D 192 19.06 9.14 0.43
C PHE D 192 19.60 10.53 0.10
N LEU D 193 19.59 10.87 -1.18
CA LEU D 193 20.09 12.15 -1.65
C LEU D 193 19.00 13.00 -2.28
N SER D 194 18.82 14.22 -1.77
CA SER D 194 17.81 15.13 -2.30
C SER D 194 18.55 16.33 -2.87
N ILE D 195 18.31 16.61 -4.15
CA ILE D 195 19.00 17.68 -4.83
C ILE D 195 18.19 18.96 -5.04
N HIS D 196 18.82 20.09 -4.71
CA HIS D 196 18.22 21.41 -4.81
C HIS D 196 19.21 22.41 -5.44
N SER D 197 18.79 23.67 -5.49
CA SER D 197 19.63 24.78 -5.97
C SER D 197 18.99 25.99 -5.28
N TYR D 198 19.76 27.05 -5.02
CA TYR D 198 21.17 27.18 -5.33
C TYR D 198 21.89 27.56 -4.03
N SER D 199 23.22 27.59 -4.07
CA SER D 199 24.08 27.96 -2.94
C SER D 199 25.43 27.25 -2.95
N GLN D 200 25.49 26.12 -3.66
CA GLN D 200 26.70 25.31 -3.73
C GLN D 200 27.10 24.84 -2.34
N LEU D 201 26.23 24.00 -1.80
CA LEU D 201 26.42 23.43 -0.46
C LEU D 201 26.14 21.94 -0.48
N LEU D 202 26.82 21.20 0.40
CA LEU D 202 26.63 19.77 0.56
C LEU D 202 26.26 19.67 2.04
N LEU D 203 25.02 19.32 2.32
CA LEU D 203 24.53 19.28 3.70
C LEU D 203 24.13 17.91 4.23
N TYR D 204 24.25 17.75 5.54
CA TYR D 204 23.84 16.52 6.23
C TYR D 204 22.99 16.95 7.45
N PRO D 205 22.29 16.00 8.08
CA PRO D 205 21.44 16.30 9.24
C PRO D 205 22.17 16.90 10.44
N TYR D 206 21.46 17.64 11.29
CA TYR D 206 20.03 17.94 11.15
C TYR D 206 19.78 19.41 10.84
N GLY D 207 18.53 19.69 10.52
CA GLY D 207 18.12 21.06 10.25
C GLY D 207 17.12 21.52 11.30
N TYR D 208 16.36 20.58 11.88
CA TYR D 208 15.37 20.97 12.89
C TYR D 208 15.89 21.08 14.32
N THR D 209 17.06 20.52 14.60
CA THR D 209 17.62 20.57 15.94
C THR D 209 19.12 20.79 15.91
N THR D 210 19.66 21.39 16.96
CA THR D 210 21.09 21.64 17.04
C THR D 210 21.82 20.38 17.49
N GLN D 211 21.06 19.33 17.83
CA GLN D 211 21.65 18.07 18.27
C GLN D 211 22.55 17.51 17.16
N SER D 212 23.75 17.05 17.52
CA SER D 212 24.68 16.47 16.56
C SER D 212 24.32 15.02 16.30
N ILE D 213 24.28 14.62 15.03
CA ILE D 213 23.95 13.24 14.71
C ILE D 213 25.07 12.32 15.21
N PRO D 214 24.72 11.06 15.53
CA PRO D 214 25.73 10.11 16.02
C PRO D 214 26.82 9.83 14.99
N ASP D 215 26.49 9.95 13.71
CA ASP D 215 27.46 9.69 12.64
C ASP D 215 28.10 10.94 12.07
N LYS D 216 28.13 12.02 12.85
CA LYS D 216 28.70 13.29 12.40
C LYS D 216 30.12 13.17 11.85
N THR D 217 30.99 12.48 12.56
CA THR D 217 32.38 12.33 12.12
C THR D 217 32.51 11.64 10.77
N GLU D 218 31.77 10.57 10.55
CA GLU D 218 31.85 9.87 9.26
C GLU D 218 31.25 10.67 8.12
N LEU D 219 30.04 11.20 8.31
CA LEU D 219 29.39 11.97 7.25
C LEU D 219 30.14 13.24 6.88
N ASN D 220 30.73 13.90 7.87
CA ASN D 220 31.49 15.11 7.60
C ASN D 220 32.68 14.77 6.69
N GLN D 221 33.30 13.62 6.93
CA GLN D 221 34.45 13.22 6.13
C GLN D 221 33.99 12.82 4.73
N VAL D 222 32.85 12.16 4.63
CA VAL D 222 32.34 11.78 3.32
C VAL D 222 32.03 13.06 2.54
N ALA D 223 31.42 14.02 3.21
CA ALA D 223 31.08 15.29 2.59
C ALA D 223 32.34 16.00 2.12
N LYS D 224 33.38 15.95 2.95
CA LYS D 224 34.64 16.60 2.61
C LYS D 224 35.19 16.01 1.30
N SER D 225 35.20 14.68 1.21
CA SER D 225 35.70 14.00 0.01
C SER D 225 34.86 14.27 -1.24
N ALA D 226 33.55 14.29 -1.08
CA ALA D 226 32.64 14.53 -2.21
C ALA D 226 32.86 15.93 -2.76
N VAL D 227 33.02 16.90 -1.87
CA VAL D 227 33.24 18.29 -2.25
C VAL D 227 34.57 18.44 -3.00
N ALA D 228 35.58 17.70 -2.57
CA ALA D 228 36.89 17.75 -3.22
C ALA D 228 36.81 17.19 -4.64
N ALA D 229 36.10 16.07 -4.78
CA ALA D 229 35.93 15.44 -6.08
C ALA D 229 35.19 16.38 -7.04
N LEU D 230 34.10 16.96 -6.55
CA LEU D 230 33.29 17.87 -7.35
C LEU D 230 34.09 19.09 -7.83
N LYS D 231 34.92 19.63 -6.95
CA LYS D 231 35.74 20.80 -7.27
C LYS D 231 36.81 20.51 -8.31
N SER D 232 37.30 19.27 -8.34
CA SER D 232 38.37 18.89 -9.26
C SER D 232 38.12 19.08 -10.74
N LEU D 233 36.86 19.21 -11.13
CA LEU D 233 36.53 19.36 -12.54
C LEU D 233 36.69 20.77 -13.09
N TYR D 234 35.97 21.72 -12.50
CA TYR D 234 36.02 23.11 -12.95
C TYR D 234 36.40 24.10 -11.86
N GLY D 235 36.71 23.60 -10.68
CA GLY D 235 37.08 24.47 -9.58
C GLY D 235 35.93 25.08 -8.81
N THR D 236 34.72 24.54 -8.99
CA THR D 236 33.53 25.05 -8.30
C THR D 236 33.63 24.82 -6.80
N SER D 237 33.51 25.89 -6.02
CA SER D 237 33.62 25.80 -4.57
C SER D 237 32.33 25.55 -3.80
N TYR D 238 32.33 24.47 -3.03
CA TYR D 238 31.20 24.08 -2.21
C TYR D 238 31.56 24.11 -0.72
N LYS D 239 30.60 24.45 0.12
CA LYS D 239 30.82 24.45 1.56
C LYS D 239 29.99 23.24 2.02
N TYR D 240 30.34 22.68 3.18
CA TYR D 240 29.60 21.53 3.68
C TYR D 240 29.46 21.58 5.19
N GLY D 241 28.48 20.85 5.70
CA GLY D 241 28.24 20.81 7.13
C GLY D 241 26.79 20.45 7.39
N SER D 242 26.37 20.50 8.65
CA SER D 242 24.99 20.17 8.98
C SER D 242 24.11 21.31 8.49
N ILE D 243 22.85 21.01 8.24
CA ILE D 243 21.90 22.00 7.75
C ILE D 243 21.80 23.24 8.65
N ILE D 244 21.52 23.01 9.93
CA ILE D 244 21.33 24.10 10.88
C ILE D 244 22.56 24.99 11.11
N THR D 245 23.75 24.43 10.97
CA THR D 245 24.98 25.20 11.18
C THR D 245 25.49 25.88 9.92
N THR D 246 25.04 25.42 8.76
CA THR D 246 25.48 25.97 7.49
C THR D 246 24.51 26.99 6.89
N ILE D 247 23.22 26.74 7.02
CA ILE D 247 22.21 27.65 6.51
C ILE D 247 21.47 28.32 7.65
N TYR D 248 20.52 27.58 8.21
CA TYR D 248 19.71 28.07 9.32
C TYR D 248 18.81 26.93 9.81
N GLN D 249 18.02 27.21 10.84
CA GLN D 249 17.12 26.21 11.37
C GLN D 249 16.01 25.99 10.35
N ALA D 250 15.78 24.74 9.97
CA ALA D 250 14.74 24.40 9.01
C ALA D 250 14.12 23.08 9.44
N SER D 251 12.81 23.10 9.67
CA SER D 251 12.09 21.90 10.11
C SER D 251 11.28 21.22 9.03
N GLY D 252 11.14 19.91 9.16
CA GLY D 252 10.34 19.14 8.21
C GLY D 252 11.03 18.79 6.90
N GLY D 253 12.37 18.78 6.91
CA GLY D 253 13.14 18.46 5.72
C GLY D 253 13.30 16.97 5.47
N SER D 254 13.43 16.59 4.20
CA SER D 254 13.53 15.19 3.84
C SER D 254 14.69 14.38 4.42
N ILE D 255 15.91 14.93 4.36
CA ILE D 255 17.07 14.21 4.85
C ILE D 255 17.04 13.98 6.36
N ASP D 256 16.37 14.86 7.08
CA ASP D 256 16.25 14.69 8.52
C ASP D 256 15.32 13.49 8.75
N TRP D 257 14.27 13.41 7.95
CA TRP D 257 13.35 12.28 8.05
C TRP D 257 14.06 10.96 7.67
N SER D 258 14.74 10.94 6.54
CA SER D 258 15.42 9.73 6.08
C SER D 258 16.49 9.24 7.07
N TYR D 259 17.24 10.17 7.63
CA TYR D 259 18.27 9.78 8.59
C TYR D 259 17.60 9.15 9.82
N ASN D 260 16.50 9.74 10.28
CA ASN D 260 15.79 9.20 11.44
C ASN D 260 15.17 7.84 11.17
N GLN D 261 15.08 7.47 9.89
CA GLN D 261 14.53 6.18 9.51
C GLN D 261 15.66 5.13 9.45
N GLY D 262 16.87 5.55 9.77
CA GLY D 262 18.00 4.62 9.74
C GLY D 262 18.84 4.67 8.49
N ILE D 263 18.52 5.58 7.56
CA ILE D 263 19.29 5.71 6.33
C ILE D 263 20.42 6.66 6.65
N LYS D 264 21.58 6.09 6.98
CA LYS D 264 22.75 6.86 7.38
C LYS D 264 23.30 7.89 6.41
N TYR D 265 23.48 7.51 5.16
CA TYR D 265 24.03 8.43 4.18
C TYR D 265 22.96 9.31 3.55
N SER D 266 22.48 10.27 4.35
CA SER D 266 21.45 11.21 3.92
C SER D 266 22.10 12.58 3.71
N PHE D 267 22.08 13.05 2.46
CA PHE D 267 22.68 14.33 2.11
C PHE D 267 21.81 15.14 1.16
N THR D 268 21.95 16.46 1.25
CA THR D 268 21.24 17.35 0.35
C THR D 268 22.30 18.16 -0.39
N PHE D 269 22.16 18.25 -1.70
CA PHE D 269 23.05 18.99 -2.57
C PHE D 269 22.33 20.28 -2.96
N GLU D 270 23.02 21.41 -2.87
CA GLU D 270 22.49 22.70 -3.31
C GLU D 270 23.44 23.05 -4.44
N LEU D 271 22.94 22.99 -5.67
CA LEU D 271 23.75 23.24 -6.86
C LEU D 271 24.06 24.71 -7.16
N ARG D 272 24.63 24.95 -8.34
CA ARG D 272 24.99 26.29 -8.77
C ARG D 272 23.74 27.13 -9.00
N ASP D 273 23.87 28.44 -8.83
CA ASP D 273 25.12 29.04 -8.45
C ASP D 273 24.88 29.62 -7.07
N THR D 274 26.29 31.23 -6.80
CA THR D 274 25.99 31.55 -5.41
C THR D 274 25.07 32.76 -5.34
N GLY D 275 24.31 33.00 -6.40
CA GLY D 275 23.40 34.12 -6.40
C GLY D 275 23.37 35.00 -7.64
N ARG D 276 24.39 34.95 -8.49
CA ARG D 276 24.38 35.79 -9.69
C ARG D 276 23.11 35.54 -10.52
N TYR D 277 22.85 34.28 -10.83
CA TYR D 277 21.67 33.90 -11.61
C TYR D 277 20.59 33.28 -10.74
N GLY D 278 21.01 32.67 -9.63
CA GLY D 278 20.04 32.05 -8.74
C GLY D 278 19.32 30.91 -9.43
N PHE D 279 17.99 30.93 -9.38
CA PHE D 279 17.19 29.88 -10.00
C PHE D 279 17.19 29.94 -11.51
N LEU D 280 17.48 31.12 -12.06
CA LEU D 280 17.50 31.29 -13.50
C LEU D 280 18.89 31.04 -14.09
N LEU D 281 19.48 29.89 -13.76
CA LEU D 281 20.80 29.54 -14.26
C LEU D 281 20.77 29.30 -15.77
N PRO D 282 21.69 29.94 -16.53
CA PRO D 282 21.76 29.77 -17.99
C PRO D 282 21.91 28.32 -18.43
N ALA D 283 21.22 27.96 -19.51
CA ALA D 283 21.26 26.60 -20.05
C ALA D 283 22.69 26.17 -20.36
N SER D 284 23.55 27.13 -20.67
CA SER D 284 24.94 26.82 -20.99
C SER D 284 25.70 26.22 -19.80
N GLN D 285 25.11 26.28 -18.61
CA GLN D 285 25.77 25.72 -17.44
C GLN D 285 25.21 24.37 -17.01
N ILE D 286 24.21 23.88 -17.74
CA ILE D 286 23.58 22.59 -17.41
C ILE D 286 24.57 21.43 -17.40
N ILE D 287 25.21 21.17 -18.53
CA ILE D 287 26.15 20.04 -18.60
C ILE D 287 27.31 20.16 -17.61
N PRO D 288 27.96 21.33 -17.53
CA PRO D 288 29.08 21.49 -16.58
C PRO D 288 28.64 21.24 -15.14
N THR D 289 27.43 21.71 -14.79
CA THR D 289 26.90 21.51 -13.45
C THR D 289 26.65 20.02 -13.21
N ALA D 290 26.03 19.38 -14.19
CA ALA D 290 25.73 17.95 -14.09
C ALA D 290 27.01 17.14 -13.97
N GLN D 291 27.99 17.44 -14.80
CA GLN D 291 29.27 16.73 -14.79
C GLN D 291 30.00 16.74 -13.45
N GLU D 292 30.16 17.92 -12.85
CA GLU D 292 30.86 18.04 -11.58
C GLU D 292 30.02 17.45 -10.43
N THR D 293 28.70 17.59 -10.53
CA THR D 293 27.82 17.05 -9.49
C THR D 293 27.89 15.53 -9.46
N TRP D 294 28.04 14.93 -10.64
CA TRP D 294 28.15 13.48 -10.75
C TRP D 294 29.34 12.97 -9.94
N LEU D 295 30.45 13.70 -9.99
CA LEU D 295 31.66 13.29 -9.26
C LEU D 295 31.42 13.26 -7.76
N GLY D 296 30.67 14.22 -7.26
CA GLY D 296 30.38 14.26 -5.84
C GLY D 296 29.42 13.15 -5.45
N VAL D 297 28.44 12.90 -6.31
CA VAL D 297 27.47 11.84 -6.06
C VAL D 297 28.13 10.47 -6.12
N LEU D 298 28.97 10.25 -7.13
CA LEU D 298 29.66 8.96 -7.27
C LEU D 298 30.47 8.69 -6.01
N THR D 299 31.12 9.72 -5.47
CA THR D 299 31.94 9.59 -4.28
C THR D 299 31.12 9.06 -3.11
N ILE D 300 29.93 9.59 -2.94
CA ILE D 300 29.05 9.15 -1.85
C ILE D 300 28.63 7.70 -2.09
N MET D 301 28.28 7.38 -3.33
CA MET D 301 27.88 6.02 -3.68
C MET D 301 29.00 5.01 -3.38
N GLU D 302 30.23 5.36 -3.73
CA GLU D 302 31.37 4.48 -3.48
C GLU D 302 31.51 4.15 -2.01
N HIS D 303 31.32 5.16 -1.17
CA HIS D 303 31.41 4.97 0.27
C HIS D 303 30.31 4.02 0.75
N THR D 304 29.11 4.24 0.25
CA THR D 304 27.96 3.41 0.62
C THR D 304 28.16 1.93 0.31
N VAL D 305 28.72 1.64 -0.86
CA VAL D 305 28.96 0.26 -1.27
C VAL D 305 29.94 -0.43 -0.34
N ASN D 306 31.01 0.27 0.02
CA ASN D 306 32.04 -0.28 0.90
C ASN D 306 31.66 -0.15 2.37
N ASN D 307 30.41 0.22 2.65
CA ASN D 307 29.94 0.37 4.02
C ASN D 307 28.48 -0.05 4.15
#